data_7PCK
#
_entry.id   7PCK
#
_cell.length_a   58.700
_cell.length_b   84.400
_cell.length_c   155.600
_cell.angle_alpha   90.00
_cell.angle_beta   90.30
_cell.angle_gamma   90.00
#
_symmetry.space_group_name_H-M   'P 1 21 1'
#
_entity_poly.entity_id   1
_entity_poly.type   'polypeptide(L)'
_entity_poly.pdbx_seq_one_letter_code
;LYPEEILDTHWELWKKTHRKQYNNKVDEISRRLIWEKNLKYISIHNLEASLGVHTYELAMNHLGDMTSEEVVQKMTGLKV
PLSHSRSNDTLYIPEWEGRAPDSVDYRKKGYVTPVKNQGQCGSCWAFSSVGALEGQLKKKTGKLLNLSPQNLVDCVSEND
GCGGGYMTNAFQYVQKNRGIDSEDAYPYVGQEESCMYNPTGKAAKCRGYREIPEGNEKALKRAVARVGPVSVAIDASLTS
FQFYSKGVYYDESCNSDNLNHAVLAVGYGIQKGNKHWIIKNSWGENWGNKGYILMARNKNNACGIANLASFPKM
;
_entity_poly.pdbx_strand_id   A,B,C,D
#
# COMPACT_ATOMS: atom_id res chain seq x y z
N LEU A 1 -9.42 -6.31 43.44
CA LEU A 1 -8.87 -5.43 44.52
C LEU A 1 -7.42 -5.89 44.73
N TYR A 2 -6.57 -5.02 45.28
CA TYR A 2 -5.17 -5.33 45.55
C TYR A 2 -4.35 -5.38 44.26
N PRO A 3 -3.34 -4.49 44.15
CA PRO A 3 -2.43 -4.34 43.02
C PRO A 3 -1.51 -5.52 42.78
N GLU A 4 -1.59 -6.11 41.60
CA GLU A 4 -0.71 -7.23 41.28
C GLU A 4 0.74 -6.75 41.21
N GLU A 5 1.57 -7.30 42.10
CA GLU A 5 2.97 -6.96 42.21
C GLU A 5 3.76 -6.94 40.90
N ILE A 6 3.20 -7.54 39.86
CA ILE A 6 3.88 -7.56 38.56
C ILE A 6 3.97 -6.17 37.93
N LEU A 7 2.82 -5.49 37.86
CA LEU A 7 2.72 -4.18 37.25
C LEU A 7 3.36 -3.01 38.00
N ASP A 8 4.00 -3.28 39.13
CA ASP A 8 4.65 -2.23 39.90
C ASP A 8 5.53 -1.35 39.04
N THR A 9 6.53 -1.94 38.39
CA THR A 9 7.45 -1.20 37.54
C THR A 9 6.72 -0.42 36.44
N HIS A 10 5.63 -1.00 35.96
CA HIS A 10 4.84 -0.38 34.90
C HIS A 10 4.09 0.84 35.38
N TRP A 11 3.41 0.71 36.52
CA TRP A 11 2.65 1.83 37.08
C TRP A 11 3.58 3.03 37.25
N GLU A 12 4.78 2.78 37.77
CA GLU A 12 5.74 3.85 37.96
C GLU A 12 6.10 4.50 36.62
N LEU A 13 6.29 3.67 35.59
CA LEU A 13 6.64 4.14 34.25
C LEU A 13 5.49 4.99 33.68
N TRP A 14 4.27 4.48 33.82
CA TRP A 14 3.10 5.18 33.33
C TRP A 14 2.97 6.55 34.00
N LYS A 15 3.10 6.58 35.32
CA LYS A 15 3.00 7.84 36.07
C LYS A 15 4.04 8.83 35.57
N LYS A 16 5.28 8.35 35.39
CA LYS A 16 6.36 9.20 34.92
C LYS A 16 6.00 9.74 33.56
N THR A 17 5.68 8.84 32.65
CA THR A 17 5.33 9.18 31.28
C THR A 17 4.19 10.22 31.18
N HIS A 18 3.29 10.25 32.15
CA HIS A 18 2.19 11.20 32.08
C HIS A 18 2.14 12.25 33.18
N ARG A 19 3.28 12.53 33.79
CA ARG A 19 3.35 13.54 34.85
C ARG A 19 2.22 13.38 35.88
N LYS A 20 1.86 12.14 36.16
CA LYS A 20 0.80 11.83 37.13
C LYS A 20 1.34 11.94 38.55
N GLN A 21 0.61 12.66 39.40
CA GLN A 21 1.00 12.85 40.80
C GLN A 21 -0.24 12.63 41.65
N TYR A 22 -0.02 12.15 42.87
CA TYR A 22 -1.12 11.88 43.80
C TYR A 22 -0.75 12.40 45.18
N ASN A 23 -1.72 12.97 45.89
CA ASN A 23 -1.47 13.50 47.23
C ASN A 23 -1.09 12.43 48.24
N ASN A 24 -2.06 11.58 48.52
CA ASN A 24 -1.90 10.51 49.47
C ASN A 24 -1.42 9.24 48.81
N LYS A 25 -0.94 8.31 49.63
CA LYS A 25 -0.53 7.00 49.15
C LYS A 25 -1.87 6.29 48.95
N VAL A 26 -2.83 6.63 49.80
CA VAL A 26 -4.18 6.03 49.77
C VAL A 26 -4.82 6.40 48.44
N ASP A 27 -4.77 7.70 48.15
CA ASP A 27 -5.29 8.26 46.92
C ASP A 27 -4.66 7.52 45.73
N GLU A 28 -3.34 7.37 45.78
CA GLU A 28 -2.60 6.68 44.73
C GLU A 28 -3.05 5.24 44.54
N ILE A 29 -3.12 4.47 45.62
CA ILE A 29 -3.54 3.08 45.55
C ILE A 29 -4.88 2.99 44.86
N SER A 30 -5.82 3.81 45.29
CA SER A 30 -7.16 3.81 44.71
C SER A 30 -7.12 4.00 43.21
N ARG A 31 -6.24 4.89 42.75
CA ARG A 31 -6.07 5.17 41.33
C ARG A 31 -5.43 3.99 40.62
N ARG A 32 -4.36 3.47 41.21
CA ARG A 32 -3.63 2.31 40.69
C ARG A 32 -4.59 1.15 40.42
N LEU A 33 -5.58 1.01 41.29
CA LEU A 33 -6.56 -0.07 41.14
C LEU A 33 -7.50 0.19 39.96
N ILE A 34 -7.75 1.45 39.64
CA ILE A 34 -8.61 1.80 38.50
C ILE A 34 -7.84 1.55 37.21
N TRP A 35 -6.58 2.00 37.19
CA TRP A 35 -5.68 1.84 36.05
C TRP A 35 -5.60 0.36 35.68
N GLU A 36 -5.39 -0.48 36.69
CA GLU A 36 -5.31 -1.92 36.48
C GLU A 36 -6.60 -2.53 35.98
N LYS A 37 -7.73 -2.05 36.48
CA LYS A 37 -9.01 -2.57 36.03
C LYS A 37 -9.18 -2.24 34.56
N ASN A 38 -8.80 -1.03 34.17
CA ASN A 38 -8.89 -0.58 32.79
C ASN A 38 -7.97 -1.39 31.89
N LEU A 39 -6.71 -1.54 32.30
CA LEU A 39 -5.73 -2.32 31.54
C LEU A 39 -6.32 -3.67 31.15
N LYS A 40 -7.06 -4.28 32.05
CA LYS A 40 -7.68 -5.56 31.79
C LYS A 40 -8.72 -5.41 30.71
N TYR A 41 -9.56 -4.39 30.82
CA TYR A 41 -10.62 -4.15 29.84
C TYR A 41 -9.99 -3.99 28.47
N ILE A 42 -8.94 -3.18 28.42
CA ILE A 42 -8.19 -2.91 27.20
C ILE A 42 -7.66 -4.21 26.60
N SER A 43 -6.87 -4.94 27.37
CA SER A 43 -6.26 -6.19 26.93
C SER A 43 -7.21 -7.25 26.46
N ILE A 44 -8.35 -7.37 27.12
CA ILE A 44 -9.32 -8.36 26.71
C ILE A 44 -10.11 -7.86 25.50
N HIS A 45 -10.25 -6.55 25.37
CA HIS A 45 -10.96 -5.98 24.23
C HIS A 45 -10.18 -6.27 22.95
N ASN A 46 -8.88 -6.05 23.02
CA ASN A 46 -7.99 -6.27 21.90
C ASN A 46 -7.93 -7.74 21.51
N LEU A 47 -8.20 -8.62 22.47
CA LEU A 47 -8.20 -10.07 22.19
C LEU A 47 -9.39 -10.30 21.25
N GLU A 48 -10.57 -9.82 21.68
CA GLU A 48 -11.78 -9.97 20.88
C GLU A 48 -11.58 -9.36 19.51
N ALA A 49 -10.84 -8.27 19.45
CA ALA A 49 -10.56 -7.58 18.21
C ALA A 49 -9.82 -8.49 17.25
N SER A 50 -8.80 -9.19 17.74
CA SER A 50 -8.04 -10.08 16.88
C SER A 50 -8.93 -11.24 16.45
N LEU A 51 -9.88 -11.60 17.29
CA LEU A 51 -10.80 -12.69 16.98
C LEU A 51 -11.92 -12.23 16.04
N GLY A 52 -11.77 -11.04 15.48
CA GLY A 52 -12.77 -10.51 14.56
C GLY A 52 -14.02 -9.95 15.21
N VAL A 53 -13.94 -9.59 16.48
CA VAL A 53 -15.10 -9.06 17.18
C VAL A 53 -15.27 -7.53 17.09
N HIS A 54 -14.18 -6.81 16.99
CA HIS A 54 -14.26 -5.33 16.91
C HIS A 54 -13.46 -4.81 15.73
N THR A 55 -13.98 -3.74 15.16
CA THR A 55 -13.35 -3.08 14.01
C THR A 55 -12.36 -2.03 14.50
N TYR A 56 -11.96 -2.13 15.77
CA TYR A 56 -11.02 -1.18 16.36
C TYR A 56 -10.32 -1.76 17.59
N GLU A 57 -9.22 -1.12 17.99
CA GLU A 57 -8.43 -1.57 19.13
C GLU A 57 -8.24 -0.44 20.11
N LEU A 58 -7.98 -0.81 21.36
CA LEU A 58 -7.79 0.12 22.46
C LEU A 58 -6.34 0.24 22.90
N ALA A 59 -6.01 1.30 23.65
CA ALA A 59 -4.67 1.51 24.16
C ALA A 59 -4.68 2.34 25.43
N MET A 60 -3.69 2.11 26.29
CA MET A 60 -3.57 2.81 27.55
C MET A 60 -3.12 4.26 27.27
N ASN A 61 -3.90 5.21 27.76
CA ASN A 61 -3.61 6.65 27.56
C ASN A 61 -3.59 7.40 28.91
N HIS A 62 -3.58 8.71 28.83
CA HIS A 62 -3.49 9.59 30.02
C HIS A 62 -4.76 9.52 30.90
N LEU A 63 -5.86 8.94 30.34
CA LEU A 63 -7.08 8.80 31.13
C LEU A 63 -7.11 7.42 31.80
N GLY A 64 -5.95 6.75 31.81
CA GLY A 64 -5.86 5.42 32.38
C GLY A 64 -6.38 5.22 33.80
N ASP A 65 -6.07 6.15 34.69
CA ASP A 65 -6.50 6.07 36.08
C ASP A 65 -7.86 6.72 36.38
N MET A 66 -8.70 6.85 35.37
CA MET A 66 -10.01 7.48 35.54
C MET A 66 -11.11 6.54 35.07
N THR A 67 -12.25 6.56 35.74
CA THR A 67 -13.35 5.71 35.30
C THR A 67 -14.08 6.49 34.23
N SER A 68 -14.83 5.79 33.40
CA SER A 68 -15.59 6.44 32.35
C SER A 68 -16.41 7.61 32.91
N GLU A 69 -17.16 7.36 33.98
CA GLU A 69 -17.99 8.39 34.60
C GLU A 69 -17.18 9.65 34.92
N GLU A 70 -16.00 9.50 35.55
CA GLU A 70 -15.18 10.66 35.86
C GLU A 70 -14.83 11.43 34.59
N VAL A 71 -14.51 10.70 33.54
CA VAL A 71 -14.16 11.31 32.26
C VAL A 71 -15.35 12.10 31.75
N VAL A 72 -16.52 11.47 31.72
CA VAL A 72 -17.71 12.15 31.24
C VAL A 72 -18.01 13.33 32.14
N GLN A 73 -17.73 13.20 33.44
CA GLN A 73 -17.97 14.28 34.38
C GLN A 73 -17.06 15.47 34.14
N LYS A 74 -15.76 15.27 34.34
CA LYS A 74 -14.77 16.33 34.19
C LYS A 74 -14.30 16.72 32.79
N MET A 75 -14.49 15.85 31.79
CA MET A 75 -13.98 16.13 30.46
C MET A 75 -14.91 16.23 29.25
N THR A 76 -16.20 16.48 29.47
CA THR A 76 -17.07 16.66 28.31
C THR A 76 -17.59 18.10 28.29
N GLY A 77 -18.88 18.28 28.57
CA GLY A 77 -19.43 19.62 28.59
C GLY A 77 -20.59 19.92 27.68
N LEU A 78 -21.16 18.92 27.02
CA LEU A 78 -22.28 19.19 26.12
C LEU A 78 -23.52 19.13 26.98
N LYS A 79 -24.36 20.16 26.97
CA LYS A 79 -25.55 20.14 27.81
C LYS A 79 -26.83 20.46 27.04
N VAL A 80 -27.54 19.42 26.61
CA VAL A 80 -28.79 19.60 25.87
C VAL A 80 -29.74 20.44 26.73
N PRO A 81 -30.47 21.35 26.09
CA PRO A 81 -31.43 22.29 26.67
C PRO A 81 -32.75 21.83 27.30
N LEU A 82 -33.29 20.68 26.88
CA LEU A 82 -34.56 20.19 27.41
C LEU A 82 -35.74 20.93 26.77
N SER A 83 -35.49 22.17 26.35
CA SER A 83 -36.48 23.00 25.66
C SER A 83 -35.66 23.95 24.78
N HIS A 84 -35.30 23.49 23.59
CA HIS A 84 -34.48 24.27 22.68
C HIS A 84 -35.20 25.36 21.91
N SER A 85 -34.58 26.53 21.90
CA SER A 85 -35.05 27.71 21.16
C SER A 85 -36.17 28.55 21.75
N ARG A 86 -36.22 29.79 21.26
CA ARG A 86 -37.24 30.76 21.62
C ARG A 86 -37.79 31.06 20.24
N SER A 87 -38.34 30.00 19.63
CA SER A 87 -38.90 29.98 18.27
C SER A 87 -37.78 29.52 17.32
N ASN A 88 -38.07 29.49 16.03
CA ASN A 88 -37.07 29.06 15.04
C ASN A 88 -36.42 30.30 14.41
N ASP A 89 -35.57 30.08 13.42
CA ASP A 89 -34.91 31.17 12.71
C ASP A 89 -34.32 30.67 11.38
N THR A 90 -35.12 29.92 10.63
CA THR A 90 -34.68 29.38 9.33
C THR A 90 -33.50 28.41 9.48
N LEU A 91 -33.23 28.02 10.72
CA LEU A 91 -32.15 27.11 11.04
C LEU A 91 -32.48 25.68 10.60
N TYR A 92 -31.93 25.24 9.47
CA TYR A 92 -32.12 23.87 8.94
C TYR A 92 -31.56 23.76 7.51
N ILE A 93 -30.38 23.16 7.36
CA ILE A 93 -29.79 23.06 6.03
C ILE A 93 -30.66 22.16 5.17
N PRO A 94 -30.98 22.63 3.94
CA PRO A 94 -31.79 21.88 2.99
C PRO A 94 -30.96 21.26 1.86
N GLU A 95 -30.26 20.17 2.16
CA GLU A 95 -29.42 19.42 1.21
C GLU A 95 -28.86 20.15 -0.04
N TRP A 96 -28.44 19.38 -1.04
CA TRP A 96 -27.86 19.95 -2.26
C TRP A 96 -28.20 19.14 -3.50
N GLU A 97 -27.53 19.46 -4.61
CA GLU A 97 -27.75 18.79 -5.88
C GLU A 97 -26.43 18.24 -6.47
N GLY A 98 -26.54 17.13 -7.19
CA GLY A 98 -25.37 16.51 -7.78
C GLY A 98 -24.85 15.36 -6.93
N ARG A 99 -23.82 14.67 -7.40
CA ARG A 99 -23.24 13.57 -6.65
C ARG A 99 -22.18 14.11 -5.70
N ALA A 100 -21.99 13.42 -4.59
CA ALA A 100 -21.02 13.82 -3.58
C ALA A 100 -19.78 12.94 -3.51
N PRO A 101 -18.60 13.54 -3.23
CA PRO A 101 -17.29 12.89 -3.11
C PRO A 101 -17.35 11.74 -2.16
N ASP A 102 -16.67 10.65 -2.51
CA ASP A 102 -16.67 9.48 -1.65
C ASP A 102 -15.86 9.69 -0.37
N SER A 103 -14.94 10.65 -0.42
CA SER A 103 -14.09 10.94 0.72
C SER A 103 -13.77 12.43 0.76
N VAL A 104 -13.63 12.98 1.97
CA VAL A 104 -13.32 14.39 2.18
C VAL A 104 -12.52 14.46 3.48
N ASP A 105 -11.44 15.25 3.49
CA ASP A 105 -10.62 15.37 4.68
C ASP A 105 -10.08 16.79 4.78
N TYR A 106 -10.82 17.66 5.45
CA TYR A 106 -10.43 19.05 5.60
C TYR A 106 -9.10 19.29 6.29
N ARG A 107 -8.53 18.24 6.88
CA ARG A 107 -7.24 18.38 7.52
C ARG A 107 -6.20 18.65 6.45
N LYS A 108 -6.39 18.01 5.30
CA LYS A 108 -5.49 18.18 4.17
C LYS A 108 -5.68 19.51 3.44
N LYS A 109 -6.90 20.01 3.44
CA LYS A 109 -7.19 21.28 2.78
C LYS A 109 -6.84 22.53 3.61
N GLY A 110 -6.20 22.35 4.76
CA GLY A 110 -5.82 23.47 5.60
C GLY A 110 -6.97 24.20 6.27
N TYR A 111 -8.04 23.47 6.56
CA TYR A 111 -9.23 24.03 7.22
C TYR A 111 -9.27 23.68 8.70
N VAL A 112 -8.41 22.76 9.13
CA VAL A 112 -8.40 22.34 10.53
C VAL A 112 -7.22 22.84 11.33
N THR A 113 -7.49 23.24 12.57
CA THR A 113 -6.47 23.74 13.48
C THR A 113 -5.97 22.60 14.33
N PRO A 114 -4.80 22.79 14.99
CA PRO A 114 -4.20 21.75 15.85
C PRO A 114 -5.18 21.21 16.90
N VAL A 115 -5.06 19.91 17.22
CA VAL A 115 -5.93 19.28 18.20
C VAL A 115 -5.62 19.92 19.54
N LYS A 116 -6.65 20.41 20.21
CA LYS A 116 -6.46 21.08 21.48
C LYS A 116 -7.00 20.22 22.62
N ASN A 117 -6.72 20.68 23.83
CA ASN A 117 -7.10 19.95 25.05
C ASN A 117 -7.81 20.83 26.07
N GLN A 118 -9.06 20.45 26.34
CA GLN A 118 -9.89 21.12 27.36
C GLN A 118 -9.41 20.57 28.71
N GLY A 119 -9.99 19.45 29.15
CA GLY A 119 -9.60 18.82 30.40
C GLY A 119 -10.01 19.50 31.68
N GLN A 120 -10.76 18.77 32.50
CA GLN A 120 -11.22 19.28 33.78
C GLN A 120 -12.03 20.56 33.65
N CYS A 121 -12.92 20.58 32.66
CA CYS A 121 -13.80 21.72 32.38
C CYS A 121 -14.72 21.31 31.26
N GLY A 122 -16.02 21.33 31.52
CA GLY A 122 -16.97 20.94 30.50
C GLY A 122 -17.14 21.98 29.41
N SER A 123 -16.05 22.26 28.70
CA SER A 123 -16.07 23.24 27.64
C SER A 123 -16.02 22.64 26.24
N CYS A 124 -16.42 21.39 26.10
CA CYS A 124 -16.40 20.75 24.78
C CYS A 124 -17.25 21.52 23.79
N TRP A 125 -18.40 22.03 24.25
CA TRP A 125 -19.29 22.81 23.39
C TRP A 125 -18.53 23.99 22.82
N ALA A 126 -17.72 24.63 23.65
CA ALA A 126 -16.91 25.77 23.23
C ALA A 126 -15.99 25.36 22.10
N PHE A 127 -15.23 24.29 22.32
CA PHE A 127 -14.29 23.78 21.32
C PHE A 127 -14.97 23.35 20.04
N SER A 128 -16.13 22.72 20.11
CA SER A 128 -16.80 22.30 18.89
C SER A 128 -17.19 23.53 18.09
N SER A 129 -17.75 24.53 18.77
CA SER A 129 -18.18 25.76 18.12
C SER A 129 -17.00 26.43 17.46
N VAL A 130 -15.93 26.63 18.24
CA VAL A 130 -14.72 27.25 17.74
C VAL A 130 -14.19 26.44 16.55
N GLY A 131 -14.37 25.13 16.61
CA GLY A 131 -13.90 24.28 15.53
C GLY A 131 -14.60 24.58 14.23
N ALA A 132 -15.92 24.66 14.27
CA ALA A 132 -16.69 24.95 13.06
C ALA A 132 -16.38 26.35 12.55
N LEU A 133 -16.30 27.32 13.46
CA LEU A 133 -16.01 28.70 13.09
C LEU A 133 -14.71 28.79 12.33
N GLU A 134 -13.65 28.19 12.87
CA GLU A 134 -12.33 28.21 12.23
C GLU A 134 -12.37 27.66 10.82
N GLY A 135 -13.22 26.66 10.60
CA GLY A 135 -13.37 26.07 9.28
C GLY A 135 -13.93 27.08 8.31
N GLN A 136 -14.88 27.89 8.78
CA GLN A 136 -15.51 28.91 7.95
C GLN A 136 -14.62 30.14 7.77
N LEU A 137 -13.87 30.49 8.81
CA LEU A 137 -12.97 31.63 8.75
C LEU A 137 -12.06 31.41 7.55
N LYS A 138 -11.46 30.21 7.47
CA LYS A 138 -10.56 29.85 6.38
C LYS A 138 -11.28 29.82 5.05
N LYS A 139 -12.43 29.16 5.02
CA LYS A 139 -13.19 29.07 3.79
C LYS A 139 -13.51 30.44 3.20
N LYS A 140 -13.71 31.44 4.07
CA LYS A 140 -14.05 32.79 3.64
C LYS A 140 -12.86 33.70 3.42
N THR A 141 -12.10 33.98 4.47
CA THR A 141 -10.95 34.86 4.37
C THR A 141 -9.67 34.23 3.81
N GLY A 142 -9.63 32.90 3.77
CA GLY A 142 -8.44 32.22 3.28
C GLY A 142 -7.39 32.01 4.36
N LYS A 143 -7.59 32.61 5.54
CA LYS A 143 -6.66 32.48 6.65
C LYS A 143 -7.14 31.48 7.69
N LEU A 144 -6.19 30.73 8.26
CA LEU A 144 -6.52 29.74 9.28
C LEU A 144 -6.02 30.25 10.63
N LEU A 145 -6.96 30.67 11.47
CA LEU A 145 -6.63 31.20 12.79
C LEU A 145 -7.17 30.35 13.91
N ASN A 146 -6.51 30.47 15.07
CA ASN A 146 -6.94 29.77 16.28
C ASN A 146 -7.91 30.71 16.96
N LEU A 147 -9.19 30.38 16.97
CA LEU A 147 -10.16 31.24 17.62
C LEU A 147 -10.16 30.94 19.12
N SER A 148 -10.84 31.76 19.90
CA SER A 148 -10.88 31.61 21.35
C SER A 148 -12.08 30.89 21.97
N PRO A 149 -11.85 29.71 22.60
CA PRO A 149 -12.94 28.98 23.23
C PRO A 149 -13.21 29.59 24.60
N GLN A 150 -12.16 30.09 25.24
CA GLN A 150 -12.27 30.71 26.56
C GLN A 150 -13.26 31.87 26.48
N ASN A 151 -13.24 32.57 25.35
CA ASN A 151 -14.14 33.69 25.10
C ASN A 151 -15.57 33.15 25.25
N LEU A 152 -15.84 32.04 24.58
CA LEU A 152 -17.16 31.43 24.65
C LEU A 152 -17.50 30.98 26.06
N VAL A 153 -16.55 30.35 26.74
CA VAL A 153 -16.74 29.86 28.10
C VAL A 153 -17.14 30.97 29.06
N ASP A 154 -16.37 32.06 29.01
CA ASP A 154 -16.59 33.21 29.89
C ASP A 154 -17.72 34.17 29.50
N CYS A 155 -18.23 34.08 28.27
CA CYS A 155 -19.27 35.02 27.86
C CYS A 155 -20.63 34.48 27.43
N VAL A 156 -20.71 33.24 26.96
CA VAL A 156 -22.01 32.71 26.54
C VAL A 156 -22.85 32.45 27.79
N SER A 157 -23.58 33.48 28.21
CA SER A 157 -24.42 33.40 29.40
C SER A 157 -25.48 32.30 29.40
N GLU A 158 -25.94 31.90 28.22
CA GLU A 158 -26.96 30.86 28.14
C GLU A 158 -26.35 29.49 28.46
N ASN A 159 -25.02 29.43 28.45
CA ASN A 159 -24.29 28.21 28.74
C ASN A 159 -23.70 28.33 30.13
N ASP A 160 -23.46 27.19 30.78
CA ASP A 160 -22.91 27.16 32.12
C ASP A 160 -21.37 27.11 32.18
N GLY A 161 -20.71 27.68 31.20
CA GLY A 161 -19.25 27.68 31.19
C GLY A 161 -18.65 26.29 31.30
N CYS A 162 -17.75 26.09 32.27
CA CYS A 162 -17.15 24.77 32.48
C CYS A 162 -18.20 23.76 32.97
N GLY A 163 -19.41 24.24 33.25
CA GLY A 163 -20.49 23.38 33.68
C GLY A 163 -21.18 22.78 32.49
N GLY A 164 -20.81 23.23 31.30
CA GLY A 164 -21.41 22.70 30.08
C GLY A 164 -22.22 23.69 29.27
N GLY A 165 -22.65 23.25 28.09
CA GLY A 165 -23.43 24.11 27.21
C GLY A 165 -23.63 23.50 25.84
N TYR A 166 -24.33 24.22 24.97
CA TYR A 166 -24.59 23.78 23.61
C TYR A 166 -23.80 24.67 22.63
N MET A 167 -23.64 24.21 21.39
CA MET A 167 -22.91 24.97 20.39
C MET A 167 -23.72 26.12 19.83
N THR A 168 -25.02 25.88 19.60
CA THR A 168 -25.91 26.91 19.09
C THR A 168 -25.76 28.22 19.82
N ASN A 169 -25.89 28.17 21.13
CA ASN A 169 -25.77 29.37 21.97
C ASN A 169 -24.44 30.04 21.72
N ALA A 170 -23.40 29.24 21.50
CA ALA A 170 -22.08 29.79 21.24
C ALA A 170 -22.14 30.58 19.94
N PHE A 171 -22.76 30.01 18.93
CA PHE A 171 -22.86 30.67 17.64
C PHE A 171 -23.62 31.98 17.80
N GLN A 172 -24.83 31.89 18.34
CA GLN A 172 -25.69 33.05 18.57
C GLN A 172 -24.95 34.17 19.30
N TYR A 173 -24.21 33.82 20.33
CA TYR A 173 -23.45 34.80 21.08
C TYR A 173 -22.53 35.57 20.14
N VAL A 174 -21.64 34.86 19.45
CA VAL A 174 -20.69 35.48 18.55
C VAL A 174 -21.39 36.47 17.63
N GLN A 175 -22.57 36.09 17.16
CA GLN A 175 -23.37 36.92 16.28
C GLN A 175 -23.80 38.19 17.01
N LYS A 176 -24.56 38.02 18.09
CA LYS A 176 -25.03 39.15 18.88
C LYS A 176 -23.89 39.99 19.44
N ASN A 177 -22.76 39.34 19.65
CA ASN A 177 -21.57 40.03 20.17
C ASN A 177 -20.83 40.74 19.03
N ARG A 178 -21.20 40.33 17.82
CA ARG A 178 -20.61 40.86 16.59
C ARG A 178 -19.10 40.57 16.58
N GLY A 179 -18.74 39.35 16.94
CA GLY A 179 -17.34 38.98 16.96
C GLY A 179 -16.90 37.99 18.04
N ILE A 180 -15.73 37.39 17.82
CA ILE A 180 -15.14 36.43 18.73
C ILE A 180 -13.63 36.64 18.67
N ASP A 181 -12.99 36.60 19.83
CA ASP A 181 -11.56 36.80 19.91
C ASP A 181 -10.75 35.63 19.34
N SER A 182 -9.45 35.83 19.27
CA SER A 182 -8.56 34.78 18.79
C SER A 182 -7.95 34.17 20.03
N GLU A 183 -7.43 32.95 19.91
CA GLU A 183 -6.80 32.27 21.03
C GLU A 183 -5.77 33.16 21.68
N ASP A 184 -4.98 33.85 20.85
CA ASP A 184 -3.93 34.75 21.34
C ASP A 184 -4.51 35.93 22.11
N ALA A 185 -5.68 36.41 21.69
CA ALA A 185 -6.31 37.55 22.34
C ALA A 185 -7.11 37.17 23.56
N TYR A 186 -7.30 35.87 23.78
CA TYR A 186 -8.10 35.41 24.91
C TYR A 186 -7.77 33.93 25.11
N PRO A 187 -6.55 33.64 25.60
CA PRO A 187 -6.02 32.29 25.87
C PRO A 187 -6.89 31.43 26.76
N TYR A 188 -7.05 30.17 26.40
CA TYR A 188 -7.84 29.22 27.17
C TYR A 188 -7.08 28.92 28.46
N VAL A 189 -7.71 29.25 29.58
CA VAL A 189 -7.17 29.05 30.91
C VAL A 189 -7.76 27.77 31.54
N GLY A 190 -8.84 27.26 30.97
CA GLY A 190 -9.45 26.05 31.50
C GLY A 190 -10.43 26.26 32.62
N GLN A 191 -10.38 27.44 33.26
CA GLN A 191 -11.31 27.76 34.37
C GLN A 191 -12.30 28.86 33.95
N GLU A 192 -13.45 28.91 34.61
CA GLU A 192 -14.45 29.93 34.32
C GLU A 192 -14.00 31.26 34.91
N GLU A 193 -14.19 32.34 34.16
CA GLU A 193 -13.81 33.68 34.62
C GLU A 193 -14.84 34.68 34.15
N SER A 194 -14.69 35.93 34.58
CA SER A 194 -15.61 36.97 34.17
C SER A 194 -15.30 37.27 32.72
N CYS A 195 -16.33 37.43 31.89
CA CYS A 195 -16.15 37.70 30.47
C CYS A 195 -15.20 38.86 30.23
N MET A 196 -14.27 38.66 29.30
CA MET A 196 -13.29 39.68 28.97
C MET A 196 -13.15 39.84 27.48
N TYR A 197 -14.26 39.68 26.74
CA TYR A 197 -14.19 39.83 25.29
C TYR A 197 -13.66 41.22 24.98
N ASN A 198 -12.58 41.24 24.22
CA ASN A 198 -11.95 42.49 23.84
C ASN A 198 -12.10 42.67 22.34
N PRO A 199 -12.69 43.79 21.91
CA PRO A 199 -12.90 44.11 20.50
C PRO A 199 -11.62 44.10 19.68
N THR A 200 -10.55 44.67 20.24
CA THR A 200 -9.25 44.71 19.56
C THR A 200 -8.87 43.35 19.00
N GLY A 201 -9.01 42.32 19.81
CA GLY A 201 -8.65 40.99 19.38
C GLY A 201 -9.71 40.23 18.61
N LYS A 202 -10.70 40.92 18.06
CA LYS A 202 -11.73 40.22 17.29
C LYS A 202 -11.03 39.55 16.11
N ALA A 203 -11.48 38.38 15.72
CA ALA A 203 -10.83 37.68 14.61
C ALA A 203 -11.80 37.01 13.67
N ALA A 204 -13.07 36.95 14.04
CA ALA A 204 -14.09 36.33 13.20
C ALA A 204 -15.47 36.74 13.67
N LYS A 205 -16.46 36.61 12.80
CA LYS A 205 -17.81 36.95 13.15
C LYS A 205 -18.72 35.83 12.67
N CYS A 206 -19.99 35.90 13.02
CA CYS A 206 -20.94 34.89 12.64
C CYS A 206 -22.24 35.57 12.28
N ARG A 207 -22.89 35.09 11.23
CA ARG A 207 -24.14 35.66 10.78
C ARG A 207 -25.27 34.66 10.83
N GLY A 208 -25.30 33.86 11.88
CA GLY A 208 -26.35 32.86 12.05
C GLY A 208 -25.80 31.45 12.15
N TYR A 209 -26.68 30.46 12.13
CA TYR A 209 -26.25 29.08 12.21
C TYR A 209 -27.28 28.22 11.50
N ARG A 210 -26.91 27.01 11.14
CA ARG A 210 -27.83 26.11 10.47
C ARG A 210 -27.73 24.76 11.13
N GLU A 211 -28.87 24.09 11.27
CA GLU A 211 -28.89 22.77 11.90
C GLU A 211 -29.17 21.69 10.87
N ILE A 212 -28.42 20.61 10.93
CA ILE A 212 -28.59 19.49 10.02
C ILE A 212 -29.75 18.63 10.52
N PRO A 213 -30.62 18.17 9.60
CA PRO A 213 -31.77 17.33 9.95
C PRO A 213 -31.40 16.27 10.98
N GLU A 214 -32.20 16.17 12.04
CA GLU A 214 -31.94 15.23 13.11
C GLU A 214 -31.84 13.80 12.63
N GLY A 215 -30.75 13.15 13.02
CA GLY A 215 -30.50 11.76 12.67
C GLY A 215 -30.31 11.43 11.21
N ASN A 216 -29.99 12.43 10.40
CA ASN A 216 -29.82 12.19 8.97
C ASN A 216 -28.36 12.24 8.56
N GLU A 217 -27.73 11.06 8.51
CA GLU A 217 -26.33 10.97 8.12
C GLU A 217 -26.07 11.38 6.68
N LYS A 218 -27.01 11.05 5.80
CA LYS A 218 -26.86 11.43 4.39
C LYS A 218 -26.75 12.96 4.32
N ALA A 219 -27.69 13.65 4.99
CA ALA A 219 -27.71 15.09 5.03
C ALA A 219 -26.42 15.61 5.63
N LEU A 220 -25.97 14.94 6.69
CA LEU A 220 -24.73 15.32 7.35
C LEU A 220 -23.51 15.18 6.42
N LYS A 221 -23.53 14.15 5.57
CA LYS A 221 -22.42 13.94 4.64
C LYS A 221 -22.33 15.09 3.66
N ARG A 222 -23.47 15.43 3.07
CA ARG A 222 -23.53 16.52 2.11
C ARG A 222 -23.07 17.79 2.83
N ALA A 223 -23.55 17.98 4.05
CA ALA A 223 -23.19 19.16 4.83
C ALA A 223 -21.68 19.29 4.95
N VAL A 224 -21.04 18.21 5.37
CA VAL A 224 -19.59 18.21 5.55
C VAL A 224 -18.88 18.46 4.22
N ALA A 225 -19.43 17.87 3.17
CA ALA A 225 -18.86 17.99 1.83
C ALA A 225 -18.99 19.39 1.24
N ARG A 226 -20.13 20.02 1.44
CA ARG A 226 -20.37 21.35 0.88
C ARG A 226 -20.06 22.54 1.79
N VAL A 227 -20.42 22.45 3.07
CA VAL A 227 -20.19 23.54 4.01
C VAL A 227 -18.82 23.49 4.67
N GLY A 228 -18.37 22.29 5.02
CA GLY A 228 -17.08 22.14 5.66
C GLY A 228 -17.27 21.43 6.99
N PRO A 229 -16.33 21.59 7.94
CA PRO A 229 -16.42 20.96 9.26
C PRO A 229 -17.75 21.30 9.95
N VAL A 230 -18.35 20.29 10.57
CA VAL A 230 -19.62 20.48 11.24
C VAL A 230 -19.54 20.08 12.72
N SER A 231 -20.20 20.85 13.59
CA SER A 231 -20.22 20.54 15.01
C SER A 231 -21.22 19.42 15.18
N VAL A 232 -20.83 18.40 15.95
CA VAL A 232 -21.69 17.25 16.20
C VAL A 232 -21.61 16.85 17.66
N ALA A 233 -22.65 16.18 18.14
CA ALA A 233 -22.71 15.69 19.52
C ALA A 233 -22.77 14.18 19.48
N ILE A 234 -22.05 13.54 20.39
CA ILE A 234 -22.01 12.07 20.45
C ILE A 234 -22.04 11.56 21.89
N ASP A 235 -22.18 10.25 22.02
CA ASP A 235 -22.19 9.60 23.33
C ASP A 235 -20.77 9.10 23.62
N ALA A 236 -20.01 9.84 24.44
CA ALA A 236 -18.65 9.46 24.76
C ALA A 236 -18.50 8.79 26.13
N SER A 237 -19.59 8.24 26.64
CA SER A 237 -19.58 7.60 27.95
C SER A 237 -18.99 6.18 28.03
N LEU A 238 -18.50 5.62 26.93
CA LEU A 238 -17.98 4.26 26.95
C LEU A 238 -16.48 4.17 27.11
N THR A 239 -16.00 3.10 27.74
CA THR A 239 -14.57 2.89 27.97
C THR A 239 -13.82 2.66 26.66
N SER A 240 -14.50 2.03 25.71
CA SER A 240 -13.93 1.76 24.38
C SER A 240 -13.54 3.08 23.72
N PHE A 241 -14.39 4.10 23.90
CA PHE A 241 -14.12 5.42 23.36
C PHE A 241 -12.99 6.06 24.16
N GLN A 242 -13.07 5.94 25.49
CA GLN A 242 -12.07 6.51 26.39
C GLN A 242 -10.63 6.09 26.07
N PHE A 243 -10.48 4.90 25.47
CA PHE A 243 -9.16 4.38 25.14
C PHE A 243 -8.93 4.04 23.67
N TYR A 244 -9.76 4.60 22.79
CA TYR A 244 -9.62 4.34 21.35
C TYR A 244 -8.18 4.67 20.94
N SER A 245 -7.60 3.79 20.11
CA SER A 245 -6.24 3.98 19.63
C SER A 245 -6.15 4.13 18.11
N LYS A 246 -6.88 3.26 17.40
CA LYS A 246 -6.88 3.29 15.94
C LYS A 246 -7.99 2.38 15.38
N GLY A 247 -8.46 2.69 14.18
CA GLY A 247 -9.49 1.88 13.56
C GLY A 247 -10.84 2.58 13.49
N VAL A 248 -11.84 1.88 12.97
CA VAL A 248 -13.15 2.47 12.88
C VAL A 248 -13.90 2.15 14.18
N TYR A 249 -14.21 3.18 14.94
CA TYR A 249 -14.91 3.00 16.19
C TYR A 249 -16.37 2.64 15.96
N TYR A 250 -16.82 1.60 16.65
CA TYR A 250 -18.20 1.15 16.60
C TYR A 250 -18.48 0.27 17.81
N ASP A 251 -19.41 0.71 18.65
CA ASP A 251 -19.77 -0.01 19.86
C ASP A 251 -21.29 -0.07 19.95
N GLU A 252 -21.83 -1.28 20.03
CA GLU A 252 -23.28 -1.47 20.11
C GLU A 252 -23.89 -0.90 21.39
N SER A 253 -23.06 -0.65 22.38
CA SER A 253 -23.52 -0.10 23.66
C SER A 253 -23.65 1.42 23.61
N CYS A 254 -23.25 2.04 22.50
CA CYS A 254 -23.32 3.48 22.37
C CYS A 254 -24.78 3.90 22.25
N ASN A 255 -25.25 4.63 23.24
CA ASN A 255 -26.64 5.09 23.28
C ASN A 255 -26.89 6.34 22.48
N SER A 256 -27.68 6.19 21.44
CA SER A 256 -28.03 7.28 20.54
C SER A 256 -28.68 8.44 21.28
N ASP A 257 -29.36 8.13 22.37
CA ASP A 257 -30.06 9.16 23.15
C ASP A 257 -29.26 9.69 24.33
N ASN A 258 -28.05 9.24 24.49
CA ASN A 258 -27.22 9.69 25.62
C ASN A 258 -26.08 10.60 25.14
N LEU A 259 -26.45 11.61 24.37
CA LEU A 259 -25.47 12.59 23.86
C LEU A 259 -24.87 13.33 25.02
N ASN A 260 -23.54 13.36 25.09
CA ASN A 260 -22.86 14.04 26.19
C ASN A 260 -21.50 14.64 25.83
N HIS A 261 -21.14 14.64 24.56
CA HIS A 261 -19.86 15.20 24.15
C HIS A 261 -20.03 15.96 22.85
N ALA A 262 -19.21 16.98 22.66
CA ALA A 262 -19.25 17.79 21.44
C ALA A 262 -17.91 17.70 20.74
N VAL A 263 -17.94 17.17 19.53
CA VAL A 263 -16.74 17.00 18.72
C VAL A 263 -16.91 17.71 17.37
N LEU A 264 -15.85 17.67 16.53
CA LEU A 264 -15.91 18.30 15.21
C LEU A 264 -15.71 17.28 14.11
N ALA A 265 -16.67 17.19 13.17
CA ALA A 265 -16.58 16.28 12.04
C ALA A 265 -15.80 17.03 10.97
N VAL A 266 -14.60 16.58 10.67
CA VAL A 266 -13.76 17.25 9.67
C VAL A 266 -13.67 16.53 8.34
N GLY A 267 -14.47 15.48 8.15
CA GLY A 267 -14.42 14.76 6.90
C GLY A 267 -15.06 13.39 7.01
N TYR A 268 -14.80 12.54 6.02
CA TYR A 268 -15.34 11.20 6.00
C TYR A 268 -14.67 10.38 4.90
N GLY A 269 -14.90 9.06 4.94
CA GLY A 269 -14.31 8.17 3.95
C GLY A 269 -14.53 6.71 4.29
N ILE A 270 -13.65 5.86 3.78
CA ILE A 270 -13.74 4.43 4.01
C ILE A 270 -12.38 3.96 4.47
N GLN A 271 -12.36 2.93 5.30
CA GLN A 271 -11.10 2.35 5.75
C GLN A 271 -11.36 0.87 5.93
N LYS A 272 -10.62 0.08 5.15
CA LYS A 272 -10.72 -1.36 5.18
C LYS A 272 -12.17 -1.85 5.05
N GLY A 273 -12.94 -1.17 4.21
CA GLY A 273 -14.32 -1.56 3.99
C GLY A 273 -15.33 -0.97 4.98
N ASN A 274 -14.84 -0.14 5.87
CA ASN A 274 -15.73 0.47 6.86
C ASN A 274 -15.83 1.98 6.62
N LYS A 275 -17.04 2.40 6.29
CA LYS A 275 -17.32 3.83 6.12
C LYS A 275 -17.16 4.49 7.48
N HIS A 276 -16.77 5.75 7.48
CA HIS A 276 -16.56 6.45 8.75
C HIS A 276 -16.48 7.97 8.59
N TRP A 277 -16.75 8.60 9.72
CA TRP A 277 -16.65 10.06 9.88
C TRP A 277 -15.31 10.35 10.54
N ILE A 278 -14.60 11.37 10.08
CA ILE A 278 -13.33 11.70 10.71
C ILE A 278 -13.71 12.74 11.76
N ILE A 279 -13.55 12.38 13.03
CA ILE A 279 -13.89 13.24 14.14
C ILE A 279 -12.64 13.83 14.82
N LYS A 280 -12.76 15.05 15.31
CA LYS A 280 -11.67 15.74 16.00
C LYS A 280 -12.10 15.92 17.45
N ASN A 281 -11.30 15.45 18.40
CA ASN A 281 -11.65 15.54 19.83
C ASN A 281 -10.95 16.71 20.56
N SER A 282 -11.34 16.96 21.80
CA SER A 282 -10.77 18.06 22.58
C SER A 282 -9.90 17.61 23.74
N TRP A 283 -9.50 16.35 23.75
CA TRP A 283 -8.69 15.79 24.82
C TRP A 283 -7.20 15.73 24.49
N GLY A 284 -6.75 16.66 23.65
CA GLY A 284 -5.35 16.69 23.26
C GLY A 284 -5.03 15.64 22.23
N GLU A 285 -3.85 15.74 21.63
CA GLU A 285 -3.43 14.76 20.62
C GLU A 285 -2.86 13.47 21.22
N ASN A 286 -2.78 13.45 22.54
CA ASN A 286 -2.25 12.29 23.25
C ASN A 286 -3.35 11.23 23.42
N TRP A 287 -4.53 11.50 22.87
CA TRP A 287 -5.66 10.57 22.93
C TRP A 287 -6.02 10.23 21.50
N GLY A 288 -6.63 9.06 21.31
CA GLY A 288 -7.02 8.63 19.98
C GLY A 288 -5.87 8.66 19.00
N ASN A 289 -6.20 8.61 17.72
CA ASN A 289 -5.19 8.63 16.68
C ASN A 289 -4.69 10.05 16.49
N LYS A 290 -3.67 10.43 17.25
CA LYS A 290 -3.07 11.76 17.20
C LYS A 290 -4.12 12.85 17.41
N GLY A 291 -5.11 12.55 18.24
CA GLY A 291 -6.15 13.51 18.52
C GLY A 291 -7.47 13.24 17.83
N TYR A 292 -7.46 12.44 16.78
CA TYR A 292 -8.68 12.12 16.04
C TYR A 292 -9.18 10.72 16.28
N ILE A 293 -10.40 10.46 15.82
CA ILE A 293 -11.04 9.15 15.95
C ILE A 293 -11.95 8.97 14.75
N LEU A 294 -11.94 7.79 14.15
CA LEU A 294 -12.82 7.54 13.01
C LEU A 294 -14.05 6.85 13.57
N MET A 295 -15.22 7.42 13.36
CA MET A 295 -16.42 6.81 13.89
C MET A 295 -17.29 6.24 12.77
N ALA A 296 -17.88 5.07 13.03
CA ALA A 296 -18.73 4.36 12.07
C ALA A 296 -19.76 5.24 11.39
N ARG A 297 -19.64 5.34 10.07
CA ARG A 297 -20.57 6.14 9.26
C ARG A 297 -21.60 5.21 8.63
N ASN A 298 -22.81 5.73 8.50
CA ASN A 298 -23.91 4.96 7.91
C ASN A 298 -24.24 3.68 8.67
N LYS A 299 -23.87 3.61 9.94
CA LYS A 299 -24.18 2.43 10.73
C LYS A 299 -25.25 2.76 11.74
N ASN A 300 -26.46 2.99 11.24
CA ASN A 300 -27.62 3.33 12.06
C ASN A 300 -27.44 4.52 13.01
N ASN A 301 -26.75 5.56 12.55
CA ASN A 301 -26.52 6.76 13.36
C ASN A 301 -25.82 6.44 14.67
N ALA A 302 -24.64 5.84 14.56
CA ALA A 302 -23.85 5.44 15.72
C ALA A 302 -23.55 6.55 16.73
N CYS A 303 -23.89 6.31 18.00
CA CYS A 303 -23.66 7.26 19.08
C CYS A 303 -24.37 8.62 18.89
N GLY A 304 -25.41 8.62 18.06
CA GLY A 304 -26.14 9.86 17.81
C GLY A 304 -25.37 10.92 17.02
N ILE A 305 -24.37 10.47 16.26
CA ILE A 305 -23.52 11.35 15.45
C ILE A 305 -24.29 12.41 14.63
N ALA A 306 -25.46 12.06 14.11
CA ALA A 306 -26.25 12.99 13.32
C ALA A 306 -27.45 13.58 14.08
N ASN A 307 -27.42 13.53 15.41
CA ASN A 307 -28.54 14.05 16.22
C ASN A 307 -28.52 15.55 16.53
N LEU A 308 -27.34 16.13 16.72
CA LEU A 308 -27.22 17.56 17.03
C LEU A 308 -26.14 18.25 16.20
N ALA A 309 -26.19 18.05 14.89
CA ALA A 309 -25.20 18.65 14.00
C ALA A 309 -25.57 20.09 13.68
N SER A 310 -24.57 20.96 13.56
CA SER A 310 -24.83 22.35 13.24
C SER A 310 -23.54 22.99 12.81
N PHE A 311 -23.64 24.08 12.05
CA PHE A 311 -22.47 24.81 11.57
C PHE A 311 -22.81 26.30 11.48
N PRO A 312 -21.85 27.17 11.77
CA PRO A 312 -22.11 28.60 11.71
C PRO A 312 -22.25 29.09 10.27
N LYS A 313 -23.08 30.10 10.09
CA LYS A 313 -23.29 30.72 8.79
C LYS A 313 -22.53 32.02 8.95
N MET A 314 -21.52 32.27 8.13
CA MET A 314 -20.78 33.51 8.27
C MET A 314 -20.43 34.16 6.93
N LEU B 1 -59.50 35.91 -14.94
CA LEU B 1 -59.33 34.51 -15.46
C LEU B 1 -60.69 33.84 -15.63
N TYR B 2 -60.74 32.74 -16.40
CA TYR B 2 -62.00 32.05 -16.66
C TYR B 2 -61.91 30.54 -16.38
N PRO B 3 -63.05 29.90 -16.11
CA PRO B 3 -63.11 28.45 -15.83
C PRO B 3 -63.08 27.55 -17.07
N GLU B 4 -62.27 26.49 -17.03
CA GLU B 4 -62.12 25.54 -18.14
C GLU B 4 -63.39 24.73 -18.44
N GLU B 5 -63.88 24.90 -19.67
CA GLU B 5 -65.08 24.24 -20.13
C GLU B 5 -65.05 22.72 -20.00
N ILE B 6 -63.84 22.14 -20.00
CA ILE B 6 -63.71 20.69 -19.85
C ILE B 6 -64.30 20.23 -18.51
N LEU B 7 -63.88 20.91 -17.44
CA LEU B 7 -64.30 20.59 -16.09
C LEU B 7 -65.76 20.86 -15.74
N ASP B 8 -66.54 21.37 -16.69
CA ASP B 8 -67.94 21.69 -16.43
C ASP B 8 -68.67 20.54 -15.74
N THR B 9 -68.70 19.39 -16.39
CA THR B 9 -69.38 18.21 -15.84
C THR B 9 -68.86 17.84 -14.45
N HIS B 10 -67.57 18.07 -14.24
CA HIS B 10 -66.92 17.76 -12.98
C HIS B 10 -67.35 18.69 -11.87
N TRP B 11 -67.31 19.99 -12.13
CA TRP B 11 -67.72 20.98 -11.14
C TRP B 11 -69.12 20.65 -10.65
N GLU B 12 -70.00 20.29 -11.58
CA GLU B 12 -71.37 19.96 -11.22
C GLU B 12 -71.41 18.73 -10.32
N LEU B 13 -70.57 17.75 -10.63
CA LEU B 13 -70.48 16.51 -9.87
C LEU B 13 -69.96 16.80 -8.46
N TRP B 14 -68.91 17.62 -8.38
CA TRP B 14 -68.30 18.00 -7.12
C TRP B 14 -69.32 18.73 -6.24
N LYS B 15 -70.03 19.70 -6.82
CA LYS B 15 -71.04 20.45 -6.07
C LYS B 15 -72.09 19.50 -5.51
N LYS B 16 -72.58 18.61 -6.36
CA LYS B 16 -73.59 17.65 -5.93
C LYS B 16 -73.03 16.83 -4.78
N THR B 17 -71.87 16.21 -5.01
CA THR B 17 -71.22 15.37 -4.02
C THR B 17 -71.02 16.04 -2.66
N HIS B 18 -70.90 17.37 -2.64
CA HIS B 18 -70.67 18.05 -1.38
C HIS B 18 -71.75 19.05 -0.95
N ARG B 19 -72.95 18.87 -1.47
CA ARG B 19 -74.08 19.73 -1.12
C ARG B 19 -73.69 21.21 -1.18
N LYS B 20 -72.84 21.55 -2.14
CA LYS B 20 -72.38 22.93 -2.33
C LYS B 20 -73.44 23.74 -3.05
N GLN B 21 -73.76 24.91 -2.51
CA GLN B 21 -74.76 25.81 -3.09
C GLN B 21 -74.20 27.22 -3.08
N TYR B 22 -74.60 28.01 -4.06
CA TYR B 22 -74.12 29.39 -4.17
C TYR B 22 -75.29 30.32 -4.45
N ASN B 23 -75.33 31.46 -3.76
CA ASN B 23 -76.43 32.43 -3.94
C ASN B 23 -76.45 32.96 -5.37
N ASN B 24 -75.35 33.59 -5.77
CA ASN B 24 -75.20 34.18 -7.09
C ASN B 24 -74.47 33.30 -8.07
N LYS B 25 -74.71 33.53 -9.35
CA LYS B 25 -74.00 32.80 -10.37
C LYS B 25 -72.64 33.48 -10.40
N VAL B 26 -72.60 34.72 -9.94
CA VAL B 26 -71.36 35.47 -9.86
C VAL B 26 -70.54 34.82 -8.78
N ASP B 27 -71.18 34.65 -7.63
CA ASP B 27 -70.60 34.02 -6.45
C ASP B 27 -70.06 32.64 -6.85
N GLU B 28 -70.88 31.88 -7.56
CA GLU B 28 -70.51 30.55 -8.03
C GLU B 28 -69.28 30.57 -8.93
N ILE B 29 -69.30 31.40 -9.96
CA ILE B 29 -68.16 31.50 -10.88
C ILE B 29 -66.88 31.74 -10.09
N SER B 30 -66.93 32.72 -9.19
CA SER B 30 -65.76 33.06 -8.38
C SER B 30 -65.20 31.84 -7.65
N ARG B 31 -66.10 31.01 -7.12
CA ARG B 31 -65.74 29.81 -6.40
C ARG B 31 -65.15 28.78 -7.36
N ARG B 32 -65.86 28.56 -8.46
CA ARG B 32 -65.44 27.62 -9.51
C ARG B 32 -63.99 27.92 -9.94
N LEU B 33 -63.63 29.19 -9.98
CA LEU B 33 -62.28 29.57 -10.36
C LEU B 33 -61.27 29.21 -9.28
N ILE B 34 -61.69 29.18 -8.02
CA ILE B 34 -60.79 28.83 -6.92
C ILE B 34 -60.58 27.31 -6.95
N TRP B 35 -61.69 26.59 -7.08
CA TRP B 35 -61.68 25.13 -7.16
C TRP B 35 -60.71 24.68 -8.25
N GLU B 36 -60.82 25.29 -9.43
CA GLU B 36 -59.94 24.96 -10.54
C GLU B 36 -58.47 25.30 -10.27
N LYS B 37 -58.23 26.42 -9.60
CA LYS B 37 -56.86 26.80 -9.31
C LYS B 37 -56.25 25.74 -8.40
N ASN B 38 -57.04 25.29 -7.42
CA ASN B 38 -56.61 24.28 -6.46
C ASN B 38 -56.35 22.96 -7.16
N LEU B 39 -57.29 22.53 -7.99
CA LEU B 39 -57.18 21.28 -8.74
C LEU B 39 -55.80 21.21 -9.41
N LYS B 40 -55.36 22.33 -9.96
CA LYS B 40 -54.07 22.40 -10.63
C LYS B 40 -52.96 22.17 -9.64
N TYR B 41 -53.04 22.85 -8.49
CA TYR B 41 -52.02 22.70 -7.47
C TYR B 41 -51.91 21.25 -7.06
N ILE B 42 -53.07 20.64 -6.83
CA ILE B 42 -53.17 19.23 -6.45
C ILE B 42 -52.52 18.32 -7.49
N SER B 43 -52.99 18.43 -8.73
CA SER B 43 -52.48 17.62 -9.82
C SER B 43 -51.00 17.74 -10.07
N ILE B 44 -50.47 18.95 -9.96
CA ILE B 44 -49.05 19.14 -10.18
C ILE B 44 -48.25 18.68 -8.97
N HIS B 45 -48.84 18.76 -7.79
CA HIS B 45 -48.17 18.31 -6.58
C HIS B 45 -47.96 16.82 -6.62
N ASN B 46 -49.01 16.11 -7.03
CA ASN B 46 -48.95 14.67 -7.14
C ASN B 46 -47.94 14.21 -8.19
N LEU B 47 -47.71 15.06 -9.21
CA LEU B 47 -46.73 14.75 -10.26
C LEU B 47 -45.37 14.72 -9.57
N GLU B 48 -45.05 15.79 -8.86
CA GLU B 48 -43.78 15.85 -8.15
C GLU B 48 -43.64 14.68 -7.17
N ALA B 49 -44.76 14.26 -6.58
CA ALA B 49 -44.77 13.16 -5.65
C ALA B 49 -44.30 11.89 -6.33
N SER B 50 -44.83 11.61 -7.52
CA SER B 50 -44.43 10.41 -8.24
C SER B 50 -42.97 10.53 -8.62
N LEU B 51 -42.50 11.76 -8.84
CA LEU B 51 -41.11 11.97 -9.20
C LEU B 51 -40.18 11.93 -7.98
N GLY B 52 -40.73 11.49 -6.85
CA GLY B 52 -39.96 11.38 -5.63
C GLY B 52 -39.71 12.67 -4.90
N VAL B 53 -40.55 13.68 -5.15
CA VAL B 53 -40.39 14.97 -4.50
C VAL B 53 -41.12 15.12 -3.16
N HIS B 54 -42.23 14.43 -2.99
CA HIS B 54 -42.98 14.52 -1.73
C HIS B 54 -43.28 13.13 -1.17
N THR B 55 -43.31 13.06 0.15
CA THR B 55 -43.58 11.81 0.84
C THR B 55 -45.09 11.67 1.07
N TYR B 56 -45.88 12.46 0.33
CA TYR B 56 -47.34 12.42 0.46
C TYR B 56 -48.03 12.92 -0.80
N GLU B 57 -49.33 12.64 -0.90
CA GLU B 57 -50.12 13.03 -2.05
C GLU B 57 -51.35 13.79 -1.62
N LEU B 58 -51.87 14.60 -2.53
CA LEU B 58 -53.06 15.43 -2.28
C LEU B 58 -54.31 14.93 -3.00
N ALA B 59 -55.47 15.42 -2.58
CA ALA B 59 -56.73 15.03 -3.20
C ALA B 59 -57.79 16.11 -3.02
N MET B 60 -58.72 16.18 -3.97
CA MET B 60 -59.78 17.16 -3.94
C MET B 60 -60.79 16.78 -2.84
N ASN B 61 -61.05 17.72 -1.94
CA ASN B 61 -61.99 17.48 -0.82
C ASN B 61 -63.05 18.60 -0.77
N HIS B 62 -63.77 18.60 0.35
CA HIS B 62 -64.90 19.56 0.55
C HIS B 62 -64.40 21.01 0.71
N LEU B 63 -63.12 21.19 0.91
CA LEU B 63 -62.53 22.54 1.02
C LEU B 63 -62.05 23.00 -0.35
N GLY B 64 -62.42 22.25 -1.39
CA GLY B 64 -61.99 22.56 -2.75
C GLY B 64 -62.15 23.99 -3.23
N ASP B 65 -63.30 24.60 -2.97
CA ASP B 65 -63.58 25.96 -3.41
C ASP B 65 -63.19 27.05 -2.42
N MET B 66 -62.23 26.74 -1.55
CA MET B 66 -61.79 27.71 -0.55
C MET B 66 -60.29 27.93 -0.65
N THR B 67 -59.83 29.15 -0.42
CA THR B 67 -58.41 29.40 -0.45
C THR B 67 -57.88 29.01 0.93
N SER B 68 -56.59 28.75 1.03
CA SER B 68 -55.97 28.42 2.29
C SER B 68 -56.36 29.45 3.37
N GLU B 69 -56.19 30.73 3.07
CA GLU B 69 -56.52 31.79 4.00
C GLU B 69 -57.95 31.65 4.56
N GLU B 70 -58.93 31.44 3.68
CA GLU B 70 -60.31 31.28 4.14
C GLU B 70 -60.42 30.12 5.12
N VAL B 71 -59.72 29.03 4.80
CA VAL B 71 -59.72 27.85 5.66
C VAL B 71 -59.15 28.21 7.00
N VAL B 72 -57.98 28.84 7.01
CA VAL B 72 -57.36 29.24 8.25
C VAL B 72 -58.25 30.21 9.00
N GLN B 73 -58.96 31.07 8.26
CA GLN B 73 -59.85 32.04 8.89
C GLN B 73 -61.04 31.38 9.54
N LYS B 74 -61.88 30.74 8.74
CA LYS B 74 -63.11 30.11 9.24
C LYS B 74 -63.01 28.73 9.89
N MET B 75 -61.92 28.01 9.67
CA MET B 75 -61.82 26.64 10.19
C MET B 75 -60.71 26.25 11.17
N THR B 76 -60.08 27.20 11.83
CA THR B 76 -59.07 26.82 12.80
C THR B 76 -59.54 27.24 14.20
N GLY B 77 -58.91 28.24 14.80
CA GLY B 77 -59.33 28.69 16.11
C GLY B 77 -58.31 28.68 17.23
N LEU B 78 -57.05 28.40 16.92
CA LEU B 78 -56.04 28.37 17.97
C LEU B 78 -55.54 29.79 18.18
N LYS B 79 -55.54 30.24 19.43
CA LYS B 79 -55.07 31.59 19.77
C LYS B 79 -53.89 31.45 20.72
N VAL B 80 -52.68 31.51 20.16
CA VAL B 80 -51.45 31.36 20.92
C VAL B 80 -51.42 32.28 22.16
N PRO B 81 -50.78 31.83 23.25
CA PRO B 81 -50.69 32.63 24.46
C PRO B 81 -49.84 33.88 24.21
N LEU B 82 -49.91 34.84 25.12
CA LEU B 82 -49.15 36.09 24.99
C LEU B 82 -47.78 35.99 25.66
N ARG B 86 -41.54 31.59 26.85
CA ARG B 86 -41.50 30.80 28.10
C ARG B 86 -42.31 29.53 27.95
N SER B 87 -42.39 28.77 29.03
CA SER B 87 -43.14 27.52 29.11
C SER B 87 -43.79 27.59 30.49
N ASN B 88 -44.65 28.59 30.64
CA ASN B 88 -45.38 28.90 31.87
C ASN B 88 -45.13 28.17 33.20
N ASP B 89 -44.26 28.78 33.99
CA ASP B 89 -43.88 28.34 35.32
C ASP B 89 -43.65 26.85 35.62
N THR B 90 -44.12 26.44 36.80
CA THR B 90 -44.00 25.09 37.33
C THR B 90 -44.90 24.01 36.68
N LEU B 91 -45.43 24.29 35.50
CA LEU B 91 -46.29 23.32 34.86
C LEU B 91 -45.69 22.63 33.64
N TYR B 92 -44.56 21.96 33.82
CA TYR B 92 -43.89 21.24 32.72
C TYR B 92 -43.55 19.82 33.11
N ILE B 93 -43.81 18.87 32.21
CA ILE B 93 -43.50 17.47 32.45
C ILE B 93 -42.09 17.20 31.95
N PRO B 94 -41.09 17.12 32.86
CA PRO B 94 -39.73 16.85 32.40
C PRO B 94 -39.60 15.36 32.20
N GLU B 95 -40.07 14.90 31.05
CA GLU B 95 -40.05 13.49 30.64
C GLU B 95 -39.95 12.42 31.76
N TRP B 96 -39.33 11.29 31.43
CA TRP B 96 -39.13 10.17 32.34
C TRP B 96 -38.41 9.13 31.50
N GLU B 97 -37.08 9.16 31.54
CA GLU B 97 -36.26 8.25 30.75
C GLU B 97 -36.46 6.75 31.01
N GLY B 98 -36.30 5.96 29.94
CA GLY B 98 -36.48 4.51 30.02
C GLY B 98 -36.17 3.85 28.69
N ARG B 99 -37.19 3.32 28.02
CA ARG B 99 -37.00 2.67 26.72
C ARG B 99 -37.96 3.21 25.64
N ALA B 100 -39.26 2.96 25.80
CA ALA B 100 -40.33 3.43 24.88
C ALA B 100 -40.62 2.59 23.63
N PRO B 101 -41.91 2.35 23.34
CA PRO B 101 -42.32 1.55 22.18
C PRO B 101 -42.06 2.30 20.89
N ASP B 102 -41.61 1.59 19.85
CA ASP B 102 -41.31 2.20 18.55
C ASP B 102 -42.57 2.73 17.87
N SER B 103 -43.72 2.21 18.26
CA SER B 103 -44.97 2.61 17.66
C SER B 103 -46.07 2.57 18.71
N VAL B 104 -47.03 3.49 18.62
CA VAL B 104 -48.17 3.54 19.54
C VAL B 104 -49.35 4.07 18.74
N ASP B 105 -50.52 3.48 18.91
CA ASP B 105 -51.71 3.94 18.17
C ASP B 105 -52.95 3.78 19.04
N TYR B 106 -53.27 4.82 19.79
CA TYR B 106 -54.41 4.79 20.69
C TYR B 106 -55.75 4.55 20.03
N ARG B 107 -55.80 4.62 18.71
CA ARG B 107 -57.05 4.36 18.01
C ARG B 107 -57.40 2.89 18.20
N LYS B 108 -56.35 2.05 18.21
CA LYS B 108 -56.53 0.62 18.37
C LYS B 108 -56.84 0.23 19.81
N LYS B 109 -56.33 0.99 20.77
CA LYS B 109 -56.57 0.72 22.18
C LYS B 109 -57.91 1.23 22.71
N GLY B 110 -58.76 1.74 21.84
CA GLY B 110 -60.06 2.25 22.27
C GLY B 110 -60.03 3.51 23.09
N TYR B 111 -59.02 4.35 22.86
CA TYR B 111 -58.87 5.62 23.55
C TYR B 111 -59.33 6.81 22.71
N VAL B 112 -59.56 6.58 21.43
CA VAL B 112 -59.95 7.68 20.55
C VAL B 112 -61.42 7.62 20.12
N THR B 113 -62.04 8.80 20.09
CA THR B 113 -63.43 8.94 19.70
C THR B 113 -63.50 9.25 18.20
N PRO B 114 -64.68 9.08 17.57
CA PRO B 114 -64.85 9.35 16.14
C PRO B 114 -64.37 10.75 15.73
N VAL B 115 -63.83 10.85 14.51
CA VAL B 115 -63.35 12.12 13.99
C VAL B 115 -64.55 13.05 13.86
N LYS B 116 -64.44 14.23 14.46
CA LYS B 116 -65.54 15.18 14.41
C LYS B 116 -65.20 16.36 13.51
N ASN B 117 -66.21 17.18 13.29
CA ASN B 117 -66.09 18.33 12.39
C ASN B 117 -66.62 19.62 13.02
N GLN B 118 -65.69 20.56 13.15
CA GLN B 118 -66.00 21.91 13.65
C GLN B 118 -66.61 22.68 12.47
N GLY B 119 -65.77 23.32 11.67
CA GLY B 119 -66.23 24.03 10.51
C GLY B 119 -66.95 25.34 10.76
N GLN B 120 -66.42 26.40 10.16
CA GLN B 120 -67.01 27.73 10.27
C GLN B 120 -67.15 28.19 11.72
N CYS B 121 -66.10 27.95 12.50
CA CYS B 121 -66.05 28.32 13.91
C CYS B 121 -64.70 27.95 14.42
N GLY B 122 -63.97 28.93 14.93
CA GLY B 122 -62.63 28.68 15.42
C GLY B 122 -62.63 27.98 16.77
N SER B 123 -63.18 26.76 16.78
CA SER B 123 -63.25 25.98 18.01
C SER B 123 -62.28 24.80 18.04
N CYS B 124 -61.20 24.86 17.26
CA CYS B 124 -60.25 23.77 17.23
C CYS B 124 -59.68 23.55 18.61
N TRP B 125 -59.43 24.63 19.35
CA TRP B 125 -58.90 24.51 20.71
C TRP B 125 -59.83 23.66 21.54
N ALA B 126 -61.14 23.86 21.37
CA ALA B 126 -62.13 23.09 22.12
C ALA B 126 -61.98 21.62 21.81
N PHE B 127 -61.95 21.29 20.53
CA PHE B 127 -61.82 19.91 20.10
C PHE B 127 -60.54 19.25 20.56
N SER B 128 -59.43 19.98 20.53
CA SER B 128 -58.17 19.41 20.97
C SER B 128 -58.28 19.06 22.43
N SER B 129 -58.77 20.00 23.23
CA SER B 129 -58.92 19.80 24.68
C SER B 129 -59.82 18.61 24.95
N VAL B 130 -61.00 18.61 24.34
CA VAL B 130 -61.94 17.50 24.49
C VAL B 130 -61.28 16.20 24.08
N GLY B 131 -60.41 16.26 23.07
CA GLY B 131 -59.72 15.09 22.60
C GLY B 131 -58.82 14.48 23.66
N ALA B 132 -58.01 15.31 24.30
CA ALA B 132 -57.11 14.84 25.33
C ALA B 132 -57.89 14.32 26.52
N LEU B 133 -58.94 15.05 26.92
CA LEU B 133 -59.76 14.64 28.06
C LEU B 133 -60.33 13.24 27.84
N GLU B 134 -60.96 13.01 26.69
CA GLU B 134 -61.55 11.72 26.37
C GLU B 134 -60.54 10.59 26.49
N GLY B 135 -59.29 10.88 26.15
CA GLY B 135 -58.24 9.88 26.24
C GLY B 135 -58.00 9.48 27.67
N GLN B 136 -58.06 10.46 28.56
CA GLN B 136 -57.87 10.23 29.99
C GLN B 136 -59.10 9.63 30.65
N LEU B 137 -60.28 10.02 30.19
CA LEU B 137 -61.53 9.50 30.75
C LEU B 137 -61.47 7.99 30.64
N LYS B 138 -61.11 7.51 29.44
CA LYS B 138 -61.02 6.07 29.19
C LYS B 138 -59.90 5.44 30.00
N LYS B 139 -58.74 6.08 29.98
CA LYS B 139 -57.60 5.54 30.74
C LYS B 139 -57.92 5.36 32.22
N LYS B 140 -58.77 6.23 32.75
CA LYS B 140 -59.13 6.17 34.16
C LYS B 140 -60.36 5.32 34.46
N THR B 141 -61.51 5.73 33.93
CA THR B 141 -62.76 5.00 34.18
C THR B 141 -62.98 3.76 33.33
N GLY B 142 -62.22 3.62 32.26
CA GLY B 142 -62.39 2.47 31.39
C GLY B 142 -63.47 2.68 30.35
N LYS B 143 -64.21 3.77 30.45
CA LYS B 143 -65.27 4.08 29.49
C LYS B 143 -64.83 5.15 28.48
N LEU B 144 -65.29 5.01 27.24
CA LEU B 144 -64.96 5.96 26.18
C LEU B 144 -66.21 6.77 25.85
N LEU B 145 -66.22 8.02 26.27
CA LEU B 145 -67.36 8.89 26.04
C LEU B 145 -67.04 10.07 25.14
N ASN B 146 -68.07 10.61 24.51
CA ASN B 146 -67.93 11.79 23.67
C ASN B 146 -68.14 12.97 24.59
N LEU B 147 -67.10 13.73 24.89
CA LEU B 147 -67.26 14.88 25.76
C LEU B 147 -67.78 16.05 24.93
N SER B 148 -68.17 17.14 25.59
CA SER B 148 -68.72 18.31 24.91
C SER B 148 -67.78 19.50 24.61
N PRO B 149 -67.52 19.77 23.33
CA PRO B 149 -66.65 20.89 22.95
C PRO B 149 -67.46 22.19 23.03
N GLN B 150 -68.76 22.11 22.73
CA GLN B 150 -69.65 23.28 22.77
C GLN B 150 -69.63 23.86 24.18
N ASN B 151 -69.54 22.97 25.16
CA ASN B 151 -69.48 23.37 26.57
C ASN B 151 -68.28 24.31 26.69
N LEU B 152 -67.15 23.89 26.16
CA LEU B 152 -65.95 24.70 26.24
C LEU B 152 -66.08 26.00 25.49
N VAL B 153 -66.68 25.93 24.30
CA VAL B 153 -66.88 27.11 23.46
C VAL B 153 -67.72 28.17 24.16
N ASP B 154 -68.85 27.75 24.72
CA ASP B 154 -69.78 28.64 25.41
C ASP B 154 -69.40 29.06 26.82
N CYS B 155 -68.43 28.39 27.45
CA CYS B 155 -68.11 28.74 28.82
C CYS B 155 -66.69 29.19 29.16
N VAL B 156 -65.71 28.78 28.38
CA VAL B 156 -64.34 29.20 28.69
C VAL B 156 -64.19 30.68 28.38
N SER B 157 -64.49 31.51 29.36
CA SER B 157 -64.43 32.97 29.22
C SER B 157 -63.09 33.55 28.79
N GLU B 158 -61.99 32.86 29.12
CA GLU B 158 -60.67 33.34 28.75
C GLU B 158 -60.42 33.15 27.25
N ASN B 159 -61.26 32.34 26.61
CA ASN B 159 -61.18 32.07 25.19
C ASN B 159 -62.30 32.82 24.49
N ASP B 160 -62.08 33.14 23.22
CA ASP B 160 -63.06 33.88 22.44
C ASP B 160 -64.06 33.00 21.67
N GLY B 161 -64.41 31.84 22.24
CA GLY B 161 -65.37 30.95 21.60
C GLY B 161 -65.00 30.61 20.16
N CYS B 162 -65.93 30.82 19.24
CA CYS B 162 -65.65 30.56 17.83
C CYS B 162 -64.59 31.53 17.30
N GLY B 163 -64.21 32.51 18.10
CA GLY B 163 -63.19 33.46 17.70
C GLY B 163 -61.83 32.87 17.98
N GLY B 164 -61.78 31.73 18.68
CA GLY B 164 -60.51 31.08 18.96
C GLY B 164 -60.16 30.99 20.43
N GLY B 165 -59.06 30.30 20.73
CA GLY B 165 -58.63 30.15 22.10
C GLY B 165 -57.53 29.12 22.23
N TYR B 166 -57.08 28.86 23.46
CA TYR B 166 -56.04 27.89 23.75
C TYR B 166 -56.63 26.69 24.50
N MET B 167 -55.90 25.58 24.52
CA MET B 167 -56.37 24.38 25.21
C MET B 167 -56.24 24.50 26.74
N THR B 168 -55.12 25.06 27.20
CA THR B 168 -54.88 25.25 28.63
C THR B 168 -56.09 25.83 29.35
N ASN B 169 -56.59 26.97 28.85
CA ASN B 169 -57.75 27.61 29.42
C ASN B 169 -58.94 26.66 29.46
N ALA B 170 -59.06 25.80 28.45
CA ALA B 170 -60.15 24.83 28.42
C ALA B 170 -59.97 23.88 29.59
N PHE B 171 -58.75 23.41 29.79
CA PHE B 171 -58.47 22.50 30.89
C PHE B 171 -58.82 23.16 32.22
N GLN B 172 -58.19 24.32 32.47
CA GLN B 172 -58.40 25.09 33.70
C GLN B 172 -59.88 25.28 34.00
N TYR B 173 -60.64 25.63 32.97
CA TYR B 173 -62.08 25.83 33.13
C TYR B 173 -62.71 24.57 33.73
N VAL B 174 -62.57 23.44 33.02
CA VAL B 174 -63.15 22.17 33.47
C VAL B 174 -62.83 21.92 34.94
N GLN B 175 -61.59 22.23 35.32
CA GLN B 175 -61.16 22.06 36.70
C GLN B 175 -61.95 22.98 37.63
N LYS B 176 -61.85 24.28 37.40
CA LYS B 176 -62.56 25.26 38.22
C LYS B 176 -64.07 25.08 38.18
N ASN B 177 -64.54 24.53 37.08
CA ASN B 177 -65.97 24.27 36.92
C ASN B 177 -66.35 22.96 37.60
N ARG B 178 -65.31 22.19 37.90
CA ARG B 178 -65.44 20.88 38.55
C ARG B 178 -66.28 19.96 37.65
N GLY B 179 -65.97 19.97 36.35
CA GLY B 179 -66.68 19.11 35.42
C GLY B 179 -66.87 19.64 34.01
N ILE B 180 -67.22 18.72 33.11
CA ILE B 180 -67.48 19.04 31.71
C ILE B 180 -68.58 18.12 31.23
N ASP B 181 -69.52 18.66 30.47
CA ASP B 181 -70.64 17.88 29.97
C ASP B 181 -70.23 16.89 28.89
N SER B 182 -71.18 16.04 28.51
CA SER B 182 -70.94 15.08 27.47
C SER B 182 -71.56 15.67 26.22
N GLU B 183 -71.14 15.19 25.05
CA GLU B 183 -71.67 15.65 23.78
C GLU B 183 -73.20 15.59 23.81
N ASP B 184 -73.74 14.50 24.34
CA ASP B 184 -75.18 14.31 24.42
C ASP B 184 -75.85 15.35 25.32
N ALA B 185 -75.16 15.73 26.38
CA ALA B 185 -75.71 16.70 27.33
C ALA B 185 -75.52 18.14 26.91
N TYR B 186 -74.72 18.35 25.86
CA TYR B 186 -74.43 19.70 25.38
C TYR B 186 -73.89 19.58 23.94
N PRO B 187 -74.75 19.22 22.99
CA PRO B 187 -74.44 19.04 21.57
C PRO B 187 -73.78 20.24 20.91
N TYR B 188 -72.75 19.97 20.10
CA TYR B 188 -72.03 21.01 19.38
C TYR B 188 -72.94 21.57 18.30
N VAL B 189 -73.23 22.86 18.43
CA VAL B 189 -74.09 23.58 17.51
C VAL B 189 -73.25 24.36 16.49
N GLY B 190 -71.96 24.52 16.76
CA GLY B 190 -71.10 25.23 15.84
C GLY B 190 -71.08 26.74 15.99
N GLN B 191 -72.09 27.28 16.69
CA GLN B 191 -72.18 28.73 16.91
C GLN B 191 -71.96 29.06 18.41
N GLU B 192 -71.54 30.29 18.70
CA GLU B 192 -71.33 30.72 20.09
C GLU B 192 -72.69 30.98 20.73
N GLU B 193 -72.84 30.56 21.98
CA GLU B 193 -74.08 30.76 22.71
C GLU B 193 -73.75 31.06 24.16
N SER B 194 -74.79 31.39 24.94
CA SER B 194 -74.61 31.67 26.36
C SER B 194 -74.33 30.35 27.02
N CYS B 195 -73.35 30.33 27.92
CA CYS B 195 -72.98 29.10 28.61
C CYS B 195 -74.18 28.40 29.22
N MET B 196 -74.26 27.09 29.02
CA MET B 196 -75.35 26.30 29.54
C MET B 196 -74.85 25.03 30.19
N TYR B 197 -73.68 25.09 30.82
CA TYR B 197 -73.14 23.90 31.47
C TYR B 197 -74.15 23.41 32.48
N ASN B 198 -74.55 22.16 32.32
CA ASN B 198 -75.51 21.55 33.22
C ASN B 198 -74.83 20.46 34.01
N PRO B 199 -74.89 20.54 35.35
CA PRO B 199 -74.29 19.55 36.25
C PRO B 199 -74.76 18.13 36.00
N THR B 200 -76.07 17.96 35.78
CA THR B 200 -76.64 16.65 35.51
C THR B 200 -75.84 15.89 34.45
N GLY B 201 -75.52 16.56 33.36
CA GLY B 201 -74.78 15.91 32.30
C GLY B 201 -73.27 15.90 32.45
N LYS B 202 -72.76 16.09 33.65
CA LYS B 202 -71.31 16.07 33.84
C LYS B 202 -70.86 14.68 33.45
N ALA B 203 -69.69 14.57 32.84
CA ALA B 203 -69.20 13.27 32.42
C ALA B 203 -67.71 13.04 32.69
N ALA B 204 -67.00 14.10 33.06
CA ALA B 204 -65.57 14.00 33.33
C ALA B 204 -65.12 15.23 34.07
N LYS B 205 -63.98 15.12 34.74
CA LYS B 205 -63.42 16.23 35.50
C LYS B 205 -61.94 16.31 35.17
N CYS B 206 -61.30 17.36 35.66
CA CYS B 206 -59.88 17.56 35.39
C CYS B 206 -59.27 18.12 36.65
N ARG B 207 -58.08 17.65 36.96
CA ARG B 207 -57.36 18.08 38.15
C ARG B 207 -56.03 18.74 37.83
N GLY B 208 -56.03 19.55 36.78
CA GLY B 208 -54.81 20.24 36.39
C GLY B 208 -54.42 19.92 34.97
N TYR B 209 -53.25 20.40 34.56
CA TYR B 209 -52.77 20.13 33.21
C TYR B 209 -51.26 20.13 33.25
N ARG B 210 -50.62 19.55 32.24
CA ARG B 210 -49.18 19.52 32.18
C ARG B 210 -48.77 19.91 30.78
N GLU B 211 -47.68 20.66 30.68
CA GLU B 211 -47.18 21.10 29.38
C GLU B 211 -45.88 20.38 29.03
N ILE B 212 -45.77 19.93 27.80
CA ILE B 212 -44.58 19.25 27.32
C ILE B 212 -43.53 20.29 26.96
N PRO B 213 -42.26 20.06 27.33
CA PRO B 213 -41.17 20.99 27.04
C PRO B 213 -41.24 21.52 25.62
N GLU B 214 -41.16 22.83 25.48
CA GLU B 214 -41.26 23.48 24.17
C GLU B 214 -40.27 22.95 23.15
N GLY B 215 -40.80 22.57 21.99
CA GLY B 215 -40.01 22.07 20.89
C GLY B 215 -39.26 20.77 21.13
N ASN B 216 -39.69 19.98 22.10
CA ASN B 216 -39.02 18.73 22.38
C ASN B 216 -39.83 17.53 21.93
N GLU B 217 -39.55 17.03 20.72
CA GLU B 217 -40.26 15.88 20.19
C GLU B 217 -39.98 14.60 20.98
N LYS B 218 -38.76 14.45 21.47
CA LYS B 218 -38.43 13.26 22.26
C LYS B 218 -39.35 13.22 23.47
N ALA B 219 -39.44 14.34 24.20
CA ALA B 219 -40.30 14.45 25.37
C ALA B 219 -41.75 14.19 24.95
N LEU B 220 -42.14 14.73 23.81
CA LEU B 220 -43.50 14.55 23.31
C LEU B 220 -43.79 13.06 23.03
N LYS B 221 -42.80 12.34 22.54
CA LYS B 221 -42.98 10.93 22.24
C LYS B 221 -43.28 10.16 23.50
N ARG B 222 -42.44 10.38 24.51
CA ARG B 222 -42.58 9.73 25.80
C ARG B 222 -43.96 10.08 26.35
N ALA B 223 -44.31 11.36 26.25
CA ALA B 223 -45.61 11.83 26.74
C ALA B 223 -46.75 11.04 26.12
N VAL B 224 -46.75 10.92 24.79
CA VAL B 224 -47.80 10.20 24.09
C VAL B 224 -47.81 8.74 24.49
N ALA B 225 -46.60 8.20 24.66
CA ALA B 225 -46.42 6.80 25.03
C ALA B 225 -46.88 6.46 26.45
N ARG B 226 -46.58 7.34 27.41
CA ARG B 226 -46.92 7.11 28.81
C ARG B 226 -48.25 7.71 29.29
N VAL B 227 -48.56 8.94 28.87
CA VAL B 227 -49.80 9.60 29.26
C VAL B 227 -50.99 9.29 28.35
N GLY B 228 -50.73 9.24 27.05
CA GLY B 228 -51.80 8.98 26.10
C GLY B 228 -51.88 10.12 25.10
N PRO B 229 -53.04 10.32 24.44
CA PRO B 229 -53.21 11.40 23.45
C PRO B 229 -52.84 12.74 24.03
N VAL B 230 -52.15 13.57 23.25
CA VAL B 230 -51.72 14.88 23.70
C VAL B 230 -52.22 15.98 22.79
N SER B 231 -52.60 17.12 23.36
CA SER B 231 -53.07 18.23 22.57
C SER B 231 -51.83 18.91 22.02
N VAL B 232 -51.84 19.24 20.74
CA VAL B 232 -50.71 19.89 20.09
C VAL B 232 -51.21 20.98 19.14
N ALA B 233 -50.34 21.96 18.86
CA ALA B 233 -50.68 23.05 17.97
C ALA B 233 -49.73 22.97 16.79
N ILE B 234 -50.25 23.22 15.59
CA ILE B 234 -49.44 23.16 14.37
C ILE B 234 -49.78 24.30 13.43
N ASP B 235 -48.99 24.42 12.36
CA ASP B 235 -49.21 25.43 11.33
C ASP B 235 -49.98 24.79 10.18
N ALA B 236 -51.30 25.01 10.13
CA ALA B 236 -52.14 24.43 9.08
C ALA B 236 -52.47 25.39 7.94
N SER B 237 -51.65 26.43 7.78
CA SER B 237 -51.88 27.43 6.75
C SER B 237 -51.48 27.08 5.32
N LEU B 238 -50.98 25.87 5.08
CA LEU B 238 -50.53 25.49 3.74
C LEU B 238 -51.57 24.72 2.93
N THR B 239 -51.55 24.88 1.62
CA THR B 239 -52.49 24.18 0.75
C THR B 239 -52.25 22.67 0.75
N SER B 240 -50.99 22.28 0.91
CA SER B 240 -50.61 20.86 0.94
C SER B 240 -51.34 20.17 2.11
N PHE B 241 -51.45 20.88 3.21
CA PHE B 241 -52.15 20.36 4.38
C PHE B 241 -53.63 20.37 4.09
N GLN B 242 -54.13 21.46 3.51
CA GLN B 242 -55.55 21.61 3.20
C GLN B 242 -56.10 20.47 2.35
N PHE B 243 -55.25 19.83 1.55
CA PHE B 243 -55.70 18.74 0.68
C PHE B 243 -54.97 17.41 0.87
N TYR B 244 -54.32 17.23 2.02
CA TYR B 244 -53.60 15.99 2.31
C TYR B 244 -54.52 14.83 2.12
N SER B 245 -54.03 13.76 1.49
CA SER B 245 -54.83 12.57 1.22
C SER B 245 -54.27 11.32 1.87
N LYS B 246 -52.96 11.14 1.77
CA LYS B 246 -52.29 9.98 2.35
C LYS B 246 -50.78 10.13 2.33
N GLY B 247 -50.09 9.48 3.25
CA GLY B 247 -48.64 9.56 3.31
C GLY B 247 -48.14 10.36 4.50
N VAL B 248 -46.83 10.51 4.59
CA VAL B 248 -46.25 11.28 5.68
C VAL B 248 -46.14 12.73 5.24
N TYR B 249 -46.90 13.59 5.91
CA TYR B 249 -46.89 15.00 5.58
C TYR B 249 -45.61 15.68 6.03
N TYR B 250 -45.02 16.43 5.11
CA TYR B 250 -43.81 17.20 5.37
C TYR B 250 -43.67 18.28 4.31
N ASP B 251 -43.68 19.53 4.75
CA ASP B 251 -43.58 20.67 3.84
C ASP B 251 -42.58 21.64 4.43
N GLU B 252 -41.54 21.96 3.66
CA GLU B 252 -40.50 22.88 4.11
C GLU B 252 -41.02 24.30 4.34
N SER B 253 -42.19 24.62 3.79
CA SER B 253 -42.78 25.94 3.95
C SER B 253 -43.57 26.07 5.25
N CYS B 254 -43.68 24.98 6.00
CA CYS B 254 -44.42 24.99 7.25
C CYS B 254 -43.63 25.80 8.27
N ASN B 255 -44.21 26.93 8.69
CA ASN B 255 -43.55 27.81 9.66
C ASN B 255 -43.77 27.39 11.09
N SER B 256 -42.67 27.02 11.74
CA SER B 256 -42.66 26.57 13.13
C SER B 256 -43.24 27.63 14.06
N ASP B 257 -43.09 28.89 13.68
CA ASP B 257 -43.60 30.00 14.49
C ASP B 257 -44.99 30.50 14.10
N ASN B 258 -45.61 29.87 13.14
CA ASN B 258 -46.95 30.29 12.71
C ASN B 258 -48.02 29.27 13.13
N LEU B 259 -48.01 28.95 14.40
CA LEU B 259 -48.99 28.01 14.98
C LEU B 259 -50.39 28.61 14.86
N ASN B 260 -51.31 27.86 14.26
CA ASN B 260 -52.67 28.36 14.11
C ASN B 260 -53.77 27.31 14.13
N HIS B 261 -53.41 26.07 14.47
CA HIS B 261 -54.42 25.01 14.51
C HIS B 261 -54.15 24.12 15.71
N ALA B 262 -55.22 23.54 16.26
CA ALA B 262 -55.10 22.64 17.41
C ALA B 262 -55.60 21.26 17.02
N VAL B 263 -54.73 20.28 17.10
CA VAL B 263 -55.06 18.91 16.72
C VAL B 263 -54.74 17.97 17.88
N LEU B 264 -55.02 16.68 17.72
CA LEU B 264 -54.75 15.69 18.76
C LEU B 264 -53.77 14.62 18.28
N ALA B 265 -52.66 14.47 19.01
CA ALA B 265 -51.66 13.45 18.67
C ALA B 265 -52.10 12.17 19.35
N VAL B 266 -52.52 11.18 18.57
CA VAL B 266 -53.00 9.92 19.13
C VAL B 266 -52.03 8.76 19.00
N GLY B 267 -50.82 9.02 18.56
CA GLY B 267 -49.85 7.95 18.42
C GLY B 267 -48.68 8.35 17.57
N TYR B 268 -47.88 7.37 17.17
CA TYR B 268 -46.71 7.61 16.35
C TYR B 268 -46.16 6.29 15.85
N GLY B 269 -45.27 6.38 14.86
CA GLY B 269 -44.66 5.19 14.26
C GLY B 269 -43.83 5.51 13.03
N ILE B 270 -43.68 4.50 12.17
CA ILE B 270 -42.90 4.66 10.96
C ILE B 270 -43.75 4.17 9.80
N GLN B 271 -43.56 4.77 8.64
CA GLN B 271 -44.26 4.35 7.44
C GLN B 271 -43.31 4.55 6.28
N LYS B 272 -42.96 3.44 5.64
CA LYS B 272 -42.06 3.44 4.50
C LYS B 272 -40.76 4.19 4.78
N GLY B 273 -40.25 4.02 5.99
CA GLY B 273 -39.01 4.65 6.38
C GLY B 273 -39.14 6.08 6.91
N ASN B 274 -40.37 6.54 7.02
CA ASN B 274 -40.60 7.91 7.52
C ASN B 274 -41.29 7.87 8.88
N LYS B 275 -40.58 8.36 9.88
CA LYS B 275 -41.13 8.46 11.24
C LYS B 275 -42.26 9.49 11.19
N HIS B 276 -43.27 9.31 12.00
CA HIS B 276 -44.42 10.23 11.98
C HIS B 276 -45.27 10.16 13.24
N TRP B 277 -45.98 11.26 13.44
CA TRP B 277 -46.97 11.43 14.51
C TRP B 277 -48.33 11.16 13.91
N ILE B 278 -49.20 10.43 14.60
CA ILE B 278 -50.52 10.19 14.06
C ILE B 278 -51.36 11.30 14.66
N ILE B 279 -51.84 12.19 13.80
CA ILE B 279 -52.65 13.33 14.21
C ILE B 279 -54.13 13.15 13.85
N LYS B 280 -54.99 13.67 14.72
CA LYS B 280 -56.43 13.61 14.52
C LYS B 280 -56.92 15.05 14.28
N ASN B 281 -57.60 15.31 13.17
CA ASN B 281 -58.09 16.66 12.85
C ASN B 281 -59.56 16.86 13.19
N SER B 282 -60.02 18.11 13.09
CA SER B 282 -61.40 18.47 13.42
C SER B 282 -62.26 18.86 12.23
N TRP B 283 -61.79 18.53 11.02
CA TRP B 283 -62.51 18.87 9.80
C TRP B 283 -63.32 17.70 9.23
N GLY B 284 -63.79 16.83 10.12
CA GLY B 284 -64.56 15.67 9.67
C GLY B 284 -63.69 14.60 9.06
N GLU B 285 -64.24 13.41 8.87
CA GLU B 285 -63.48 12.30 8.29
C GLU B 285 -63.39 12.37 6.77
N ASN B 286 -64.04 13.37 6.19
CA ASN B 286 -64.02 13.54 4.75
C ASN B 286 -62.75 14.28 4.30
N TRP B 287 -61.87 14.56 5.26
CA TRP B 287 -60.61 15.24 5.00
C TRP B 287 -59.50 14.30 5.44
N GLY B 288 -58.34 14.43 4.82
CA GLY B 288 -57.22 13.58 5.17
C GLY B 288 -57.56 12.12 5.06
N ASN B 289 -56.72 11.29 5.66
CA ASN B 289 -56.92 9.86 5.63
C ASN B 289 -57.99 9.50 6.64
N LYS B 290 -59.23 9.50 6.20
CA LYS B 290 -60.38 9.18 7.03
C LYS B 290 -60.42 10.05 8.29
N GLY B 291 -59.96 11.29 8.16
CA GLY B 291 -59.95 12.21 9.29
C GLY B 291 -58.59 12.45 9.92
N TYR B 292 -57.66 11.54 9.70
CA TYR B 292 -56.33 11.67 10.29
C TYR B 292 -55.27 12.07 9.26
N ILE B 293 -54.11 12.42 9.75
CA ILE B 293 -52.98 12.83 8.93
C ILE B 293 -51.71 12.41 9.67
N LEU B 294 -50.74 11.84 8.95
CA LEU B 294 -49.49 11.45 9.58
C LEU B 294 -48.53 12.59 9.34
N MET B 295 -47.97 13.16 10.39
CA MET B 295 -47.05 14.26 10.22
C MET B 295 -45.62 13.88 10.57
N ALA B 296 -44.68 14.35 9.78
CA ALA B 296 -43.27 14.06 9.96
C ALA B 296 -42.78 14.16 11.38
N ARG B 297 -42.31 13.05 11.93
CA ARG B 297 -41.78 13.04 13.28
C ARG B 297 -40.26 13.13 13.24
N ASN B 298 -39.68 13.76 14.25
CA ASN B 298 -38.24 13.90 14.33
C ASN B 298 -37.62 14.63 13.17
N LYS B 299 -38.41 15.41 12.44
CA LYS B 299 -37.88 16.16 11.31
C LYS B 299 -37.81 17.65 11.67
N ASN B 300 -36.91 17.96 12.60
CA ASN B 300 -36.70 19.32 13.07
C ASN B 300 -37.96 20.05 13.56
N ASN B 301 -38.82 19.33 14.29
CA ASN B 301 -40.06 19.92 14.83
C ASN B 301 -40.94 20.54 13.75
N ALA B 302 -41.31 19.71 12.77
CA ALA B 302 -42.14 20.15 11.65
C ALA B 302 -43.46 20.83 12.04
N CYS B 303 -43.69 22.01 11.49
CA CYS B 303 -44.90 22.80 11.75
C CYS B 303 -45.13 23.16 13.22
N GLY B 304 -44.07 23.12 14.02
CA GLY B 304 -44.20 23.45 15.43
C GLY B 304 -44.95 22.41 16.24
N ILE B 305 -44.98 21.17 15.74
CA ILE B 305 -45.69 20.06 16.40
C ILE B 305 -45.44 19.93 17.91
N ALA B 306 -44.21 20.21 18.35
CA ALA B 306 -43.84 20.10 19.76
C ALA B 306 -43.74 21.45 20.47
N ASN B 307 -44.36 22.48 19.90
CA ASN B 307 -44.29 23.82 20.51
C ASN B 307 -45.32 24.16 21.58
N LEU B 308 -46.53 23.64 21.45
CA LEU B 308 -47.59 23.89 22.44
C LEU B 308 -48.34 22.63 22.85
N ALA B 309 -47.59 21.59 23.22
CA ALA B 309 -48.19 20.32 23.62
C ALA B 309 -48.63 20.36 25.08
N SER B 310 -49.75 19.71 25.37
CA SER B 310 -50.26 19.69 26.73
C SER B 310 -51.30 18.60 26.84
N PHE B 311 -51.51 18.12 28.07
CA PHE B 311 -52.49 17.07 28.33
C PHE B 311 -53.09 17.29 29.73
N PRO B 312 -54.38 17.02 29.88
CA PRO B 312 -55.01 17.20 31.19
C PRO B 312 -54.54 16.17 32.20
N LYS B 313 -54.51 16.57 33.46
CA LYS B 313 -54.12 15.69 34.56
C LYS B 313 -55.47 15.43 35.21
N MET B 314 -55.91 14.18 35.29
CA MET B 314 -57.19 13.93 35.92
C MET B 314 -57.20 12.70 36.83
N LEU C 1 50.23 -7.93 -31.80
CA LEU C 1 50.89 -9.23 -32.14
C LEU C 1 49.84 -10.35 -32.10
N TYR C 2 50.28 -11.60 -32.04
CA TYR C 2 49.37 -12.73 -31.97
C TYR C 2 49.79 -13.65 -30.84
N PRO C 3 48.83 -14.34 -30.21
CA PRO C 3 49.21 -15.23 -29.12
C PRO C 3 50.00 -16.41 -29.70
N GLU C 4 50.90 -16.98 -28.90
CA GLU C 4 51.68 -18.12 -29.36
C GLU C 4 50.78 -19.34 -29.23
N GLU C 5 50.46 -19.94 -30.38
CA GLU C 5 49.59 -21.10 -30.43
C GLU C 5 49.96 -22.19 -29.43
N ILE C 6 51.24 -22.28 -29.09
CA ILE C 6 51.70 -23.30 -28.16
C ILE C 6 51.07 -23.19 -26.78
N LEU C 7 51.15 -21.98 -26.21
CA LEU C 7 50.64 -21.70 -24.88
C LEU C 7 49.11 -21.69 -24.71
N ASP C 8 48.37 -21.96 -25.76
CA ASP C 8 46.91 -21.97 -25.69
C ASP C 8 46.41 -22.77 -24.49
N THR C 9 46.76 -24.06 -24.46
CA THR C 9 46.34 -24.94 -23.36
C THR C 9 46.76 -24.42 -21.99
N HIS C 10 47.91 -23.75 -21.96
CA HIS C 10 48.45 -23.19 -20.73
C HIS C 10 47.66 -21.99 -20.26
N TRP C 11 47.37 -21.05 -21.16
CA TRP C 11 46.62 -19.87 -20.80
C TRP C 11 45.30 -20.30 -20.18
N GLU C 12 44.66 -21.29 -20.79
CA GLU C 12 43.39 -21.77 -20.28
C GLU C 12 43.54 -22.33 -18.87
N LEU C 13 44.63 -23.06 -18.64
CA LEU C 13 44.92 -23.66 -17.34
C LEU C 13 45.15 -22.56 -16.31
N TRP C 14 45.96 -21.58 -16.68
CA TRP C 14 46.27 -20.47 -15.81
C TRP C 14 45.02 -19.74 -15.40
N LYS C 15 44.16 -19.42 -16.38
CA LYS C 15 42.90 -18.72 -16.12
C LYS C 15 42.05 -19.50 -15.13
N LYS C 16 41.95 -20.80 -15.37
CA LYS C 16 41.16 -21.66 -14.50
C LYS C 16 41.74 -21.61 -13.09
N THR C 17 43.03 -21.90 -13.00
CA THR C 17 43.74 -21.91 -11.74
C THR C 17 43.58 -20.63 -10.92
N HIS C 18 43.36 -19.49 -11.57
CA HIS C 18 43.24 -18.24 -10.85
C HIS C 18 41.91 -17.51 -10.96
N ARG C 19 40.86 -18.25 -11.29
CA ARG C 19 39.53 -17.67 -11.43
C ARG C 19 39.54 -16.38 -12.25
N LYS C 20 40.40 -16.34 -13.27
CA LYS C 20 40.51 -15.18 -14.14
C LYS C 20 39.38 -15.17 -15.17
N GLN C 21 38.71 -14.04 -15.28
CA GLN C 21 37.61 -13.89 -16.23
C GLN C 21 37.80 -12.57 -16.98
N TYR C 22 37.34 -12.52 -18.22
CA TYR C 22 37.48 -11.32 -19.03
C TYR C 22 36.14 -11.03 -19.70
N ASN C 23 35.73 -9.77 -19.65
CA ASN C 23 34.46 -9.34 -20.23
C ASN C 23 34.40 -9.54 -21.75
N ASN C 24 35.28 -8.86 -22.48
CA ASN C 24 35.32 -8.98 -23.94
C ASN C 24 36.45 -9.89 -24.40
N LYS C 25 36.24 -10.62 -25.49
CA LYS C 25 37.29 -11.48 -26.04
C LYS C 25 38.48 -10.58 -26.41
N VAL C 26 38.17 -9.33 -26.75
CA VAL C 26 39.18 -8.34 -27.08
C VAL C 26 39.99 -8.11 -25.82
N ASP C 27 39.25 -7.88 -24.74
CA ASP C 27 39.81 -7.66 -23.42
C ASP C 27 40.75 -8.83 -23.10
N GLU C 28 40.26 -10.05 -23.32
CA GLU C 28 41.04 -11.25 -23.07
C GLU C 28 42.34 -11.29 -23.86
N ILE C 29 42.25 -11.12 -25.18
CA ILE C 29 43.44 -11.14 -26.03
C ILE C 29 44.48 -10.17 -25.48
N SER C 30 44.06 -8.94 -25.19
CA SER C 30 44.95 -7.93 -24.67
C SER C 30 45.71 -8.41 -23.45
N ARG C 31 45.00 -9.11 -22.57
CA ARG C 31 45.58 -9.65 -21.35
C ARG C 31 46.55 -10.79 -21.67
N ARG C 32 46.09 -11.71 -22.52
CA ARG C 32 46.88 -12.83 -22.97
C ARG C 32 48.23 -12.35 -23.49
N LEU C 33 48.24 -11.23 -24.19
CA LEU C 33 49.47 -10.68 -24.72
C LEU C 33 50.40 -10.17 -23.62
N ILE C 34 49.83 -9.71 -22.50
CA ILE C 34 50.64 -9.22 -21.38
C ILE C 34 51.24 -10.41 -20.65
N TRP C 35 50.41 -11.42 -20.41
CA TRP C 35 50.82 -12.65 -19.73
C TRP C 35 52.01 -13.25 -20.47
N GLU C 36 51.90 -13.34 -21.80
CA GLU C 36 52.96 -13.88 -22.62
C GLU C 36 54.24 -13.03 -22.57
N LYS C 37 54.10 -11.71 -22.54
CA LYS C 37 55.26 -10.86 -22.49
C LYS C 37 55.99 -11.10 -21.19
N ASN C 38 55.22 -11.25 -20.11
CA ASN C 38 55.77 -11.50 -18.79
C ASN C 38 56.47 -12.84 -18.73
N LEU C 39 55.80 -13.88 -19.23
CA LEU C 39 56.35 -15.23 -19.26
C LEU C 39 57.77 -15.20 -19.83
N LYS C 40 57.97 -14.40 -20.86
CA LYS C 40 59.26 -14.27 -21.50
C LYS C 40 60.24 -13.65 -20.53
N TYR C 41 59.82 -12.57 -19.86
CA TYR C 41 60.70 -11.89 -18.90
C TYR C 41 61.14 -12.85 -17.84
N ILE C 42 60.17 -13.60 -17.32
CA ILE C 42 60.40 -14.61 -16.30
C ILE C 42 61.40 -15.66 -16.77
N SER C 43 61.10 -16.30 -17.90
CA SER C 43 61.95 -17.34 -18.46
C SER C 43 63.37 -16.90 -18.74
N ILE C 44 63.54 -15.71 -19.26
CA ILE C 44 64.88 -15.24 -19.55
C ILE C 44 65.60 -14.82 -18.27
N HIS C 45 64.83 -14.36 -17.29
CA HIS C 45 65.42 -13.94 -16.03
C HIS C 45 66.05 -15.13 -15.34
N ASN C 46 65.30 -16.22 -15.34
CA ASN C 46 65.74 -17.46 -14.72
C ASN C 46 66.97 -18.04 -15.42
N LEU C 47 67.11 -17.74 -16.70
CA LEU C 47 68.27 -18.21 -17.47
C LEU C 47 69.47 -17.49 -16.87
N GLU C 48 69.39 -16.16 -16.78
CA GLU C 48 70.48 -15.38 -16.21
C GLU C 48 70.80 -15.85 -14.79
N ALA C 49 69.77 -16.25 -14.07
CA ALA C 49 69.92 -16.73 -12.72
C ALA C 49 70.80 -17.96 -12.67
N SER C 50 70.55 -18.91 -13.55
CA SER C 50 71.36 -20.13 -13.59
C SER C 50 72.77 -19.78 -14.02
N LEU C 51 72.92 -18.73 -14.81
CA LEU C 51 74.24 -18.31 -15.25
C LEU C 51 74.96 -17.48 -14.19
N GLY C 52 74.40 -17.46 -12.98
CA GLY C 52 75.00 -16.73 -11.87
C GLY C 52 74.78 -15.23 -11.87
N VAL C 53 73.75 -14.78 -12.58
CA VAL C 53 73.47 -13.36 -12.66
C VAL C 53 72.56 -12.82 -11.54
N HIS C 54 71.67 -13.64 -11.01
CA HIS C 54 70.76 -13.17 -9.98
C HIS C 54 70.74 -14.12 -8.82
N THR C 55 70.57 -13.57 -7.62
CA THR C 55 70.51 -14.39 -6.42
C THR C 55 69.08 -14.85 -6.12
N TYR C 56 68.22 -14.81 -7.14
CA TYR C 56 66.82 -15.20 -7.01
C TYR C 56 66.19 -15.59 -8.36
N GLU C 57 65.04 -16.26 -8.29
CA GLU C 57 64.36 -16.72 -9.47
C GLU C 57 62.93 -16.27 -9.45
N LEU C 58 62.32 -16.20 -10.63
CA LEU C 58 60.95 -15.75 -10.80
C LEU C 58 59.99 -16.87 -11.16
N ALA C 59 58.70 -16.62 -11.01
CA ALA C 59 57.68 -17.62 -11.34
C ALA C 59 56.36 -16.96 -11.72
N MET C 60 55.59 -17.65 -12.57
CA MET C 60 54.30 -17.13 -13.01
C MET C 60 53.29 -17.25 -11.86
N ASN C 61 52.67 -16.11 -11.53
CA ASN C 61 51.67 -16.05 -10.43
C ASN C 61 50.36 -15.42 -10.92
N HIS C 62 49.51 -15.10 -9.96
CA HIS C 62 48.17 -14.57 -10.25
C HIS C 62 48.21 -13.14 -10.84
N LEU C 63 49.36 -12.50 -10.76
CA LEU C 63 49.53 -11.15 -11.34
C LEU C 63 50.10 -11.28 -12.77
N GLY C 64 50.07 -12.50 -13.30
CA GLY C 64 50.61 -12.75 -14.64
C GLY C 64 50.12 -11.87 -15.76
N ASP C 65 48.82 -11.59 -15.81
CA ASP C 65 48.25 -10.75 -16.87
C ASP C 65 48.20 -9.26 -16.54
N MET C 66 49.06 -8.79 -15.65
CA MET C 66 49.08 -7.38 -15.28
C MET C 66 50.46 -6.82 -15.47
N THR C 67 50.55 -5.56 -15.88
CA THR C 67 51.85 -4.94 -16.05
C THR C 67 52.24 -4.42 -14.69
N SER C 68 53.54 -4.20 -14.50
CA SER C 68 54.05 -3.70 -13.23
C SER C 68 53.25 -2.46 -12.79
N GLU C 69 53.10 -1.50 -13.69
CA GLU C 69 52.36 -0.28 -13.39
C GLU C 69 50.98 -0.58 -12.82
N GLU C 70 50.23 -1.46 -13.46
CA GLU C 70 48.89 -1.79 -12.98
C GLU C 70 48.96 -2.30 -11.56
N VAL C 71 49.95 -3.15 -11.30
CA VAL C 71 50.15 -3.71 -9.98
C VAL C 71 50.40 -2.59 -8.98
N VAL C 72 51.34 -1.72 -9.31
CA VAL C 72 51.66 -0.61 -8.41
C VAL C 72 50.44 0.27 -8.25
N GLN C 73 49.65 0.40 -9.30
CA GLN C 73 48.46 1.24 -9.24
C GLN C 73 47.40 0.65 -8.32
N LYS C 74 46.89 -0.52 -8.71
CA LYS C 74 45.82 -1.19 -7.96
C LYS C 74 46.19 -2.00 -6.71
N MET C 75 47.45 -2.38 -6.55
CA MET C 75 47.85 -3.21 -5.41
C MET C 75 48.87 -2.74 -4.38
N THR C 76 49.12 -1.44 -4.28
CA THR C 76 50.05 -0.98 -3.26
C THR C 76 49.31 -0.12 -2.23
N GLY C 77 49.55 1.20 -2.22
CA GLY C 77 48.84 2.04 -1.28
C GLY C 77 49.67 2.86 -0.31
N LEU C 78 50.98 2.88 -0.47
CA LEU C 78 51.79 3.67 0.45
C LEU C 78 51.84 5.08 -0.06
N LYS C 79 51.55 6.01 0.85
CA LYS C 79 51.56 7.43 0.60
C LYS C 79 52.61 8.04 1.54
N VAL C 80 53.76 8.41 0.98
CA VAL C 80 54.86 9.02 1.76
C VAL C 80 54.40 10.33 2.41
N PRO C 81 54.69 10.49 3.71
CA PRO C 81 54.33 11.69 4.49
C PRO C 81 55.13 12.92 4.09
N LEU C 82 54.99 13.97 4.89
CA LEU C 82 55.67 15.23 4.64
C LEU C 82 56.41 15.72 5.88
N ASN C 88 61.08 14.05 16.96
CA ASN C 88 61.40 14.16 18.41
C ASN C 88 61.17 12.86 19.18
N ASP C 89 60.00 12.77 19.83
CA ASP C 89 59.63 11.63 20.68
C ASP C 89 59.24 10.33 19.97
N THR C 90 59.63 10.17 18.72
CA THR C 90 59.27 8.97 18.03
C THR C 90 60.47 8.06 17.74
N LEU C 91 61.67 8.64 17.70
CA LEU C 91 62.88 7.87 17.40
C LEU C 91 63.21 6.73 18.34
N TYR C 92 63.99 5.79 17.83
CA TYR C 92 64.41 4.63 18.59
C TYR C 92 65.80 4.18 18.18
N ILE C 93 66.79 5.08 18.27
CA ILE C 93 68.18 4.75 17.93
C ILE C 93 68.61 3.70 18.98
N PRO C 94 68.60 2.41 18.58
CA PRO C 94 68.97 1.33 19.50
C PRO C 94 70.44 1.31 19.87
N GLU C 95 70.70 0.92 21.12
CA GLU C 95 72.06 0.82 21.63
C GLU C 95 72.66 -0.55 21.30
N TRP C 96 73.97 -0.63 21.34
CA TRP C 96 74.62 -1.89 21.05
C TRP C 96 75.09 -2.57 22.33
N GLU C 97 74.52 -3.74 22.60
CA GLU C 97 74.85 -4.52 23.78
C GLU C 97 73.77 -5.55 23.96
N GLY C 98 72.54 -5.06 24.09
CA GLY C 98 71.37 -5.91 24.30
C GLY C 98 71.39 -7.23 23.57
N ARG C 99 71.01 -7.22 22.30
CA ARG C 99 70.99 -8.44 21.53
C ARG C 99 71.27 -8.16 20.07
N ALA C 100 71.95 -9.08 19.41
CA ALA C 100 72.29 -8.94 18.00
C ALA C 100 72.40 -10.34 17.44
N PRO C 101 71.34 -11.15 17.57
CA PRO C 101 71.35 -12.52 17.06
C PRO C 101 71.67 -12.43 15.59
N ASP C 102 72.48 -13.33 15.09
CA ASP C 102 72.81 -13.31 13.68
C ASP C 102 71.58 -13.58 12.83
N SER C 103 70.58 -14.22 13.43
CA SER C 103 69.36 -14.55 12.72
C SER C 103 68.17 -14.47 13.67
N VAL C 104 67.02 -14.07 13.15
CA VAL C 104 65.79 -13.97 13.93
C VAL C 104 64.64 -14.29 12.97
N ASP C 105 63.68 -15.08 13.41
CA ASP C 105 62.54 -15.42 12.56
C ASP C 105 61.28 -15.55 13.40
N TYR C 106 60.56 -14.45 13.55
CA TYR C 106 59.35 -14.44 14.35
C TYR C 106 58.25 -15.38 13.88
N ARG C 107 58.39 -15.93 12.68
CA ARG C 107 57.40 -16.87 12.20
C ARG C 107 57.45 -18.11 13.07
N LYS C 108 58.67 -18.46 13.48
CA LYS C 108 58.87 -19.64 14.31
C LYS C 108 58.46 -19.41 15.76
N LYS C 109 58.58 -18.17 16.23
CA LYS C 109 58.22 -17.85 17.61
C LYS C 109 56.71 -17.62 17.84
N GLY C 110 55.91 -17.87 16.81
CA GLY C 110 54.47 -17.68 16.93
C GLY C 110 54.01 -16.23 17.05
N TYR C 111 54.76 -15.31 16.45
CA TYR C 111 54.42 -13.89 16.48
C TYR C 111 53.79 -13.44 15.17
N VAL C 112 53.83 -14.28 14.15
CA VAL C 112 53.28 -13.90 12.86
C VAL C 112 51.98 -14.61 12.50
N THR C 113 51.08 -13.86 11.90
CA THR C 113 49.78 -14.36 11.48
C THR C 113 49.85 -14.82 10.03
N PRO C 114 48.86 -15.59 9.55
CA PRO C 114 48.83 -16.09 8.17
C PRO C 114 48.97 -14.98 7.13
N VAL C 115 49.65 -15.26 6.02
CA VAL C 115 49.83 -14.28 4.96
C VAL C 115 48.46 -13.97 4.40
N LYS C 116 48.13 -12.69 4.34
CA LYS C 116 46.83 -12.27 3.87
C LYS C 116 46.96 -11.58 2.51
N ASN C 117 45.81 -11.34 1.90
CA ASN C 117 45.74 -10.75 0.57
C ASN C 117 44.76 -9.57 0.50
N GLN C 118 45.34 -8.42 0.17
CA GLN C 118 44.58 -7.18 -0.05
C GLN C 118 43.97 -7.28 -1.44
N GLY C 119 44.72 -6.85 -2.45
CA GLY C 119 44.25 -6.93 -3.82
C GLY C 119 43.16 -5.98 -4.23
N GLN C 120 43.45 -5.18 -5.26
CA GLN C 120 42.51 -4.23 -5.79
C GLN C 120 42.01 -3.24 -4.74
N CYS C 121 42.95 -2.75 -3.92
CA CYS C 121 42.66 -1.78 -2.87
C CYS C 121 43.99 -1.41 -2.25
N GLY C 122 44.34 -0.13 -2.30
CA GLY C 122 45.60 0.32 -1.73
C GLY C 122 45.59 0.34 -0.22
N SER C 123 45.39 -0.83 0.38
CA SER C 123 45.35 -0.95 1.82
C SER C 123 46.59 -1.59 2.44
N CYS C 124 47.71 -1.56 1.71
CA CYS C 124 48.93 -2.16 2.21
C CYS C 124 49.34 -1.54 3.55
N TRP C 125 49.15 -0.23 3.68
CA TRP C 125 49.48 0.47 4.92
C TRP C 125 48.70 -0.15 6.07
N ALA C 126 47.45 -0.49 5.82
CA ALA C 126 46.59 -1.10 6.82
C ALA C 126 47.20 -2.42 7.27
N PHE C 127 47.52 -3.28 6.30
CA PHE C 127 48.09 -4.58 6.59
C PHE C 127 49.43 -4.49 7.30
N SER C 128 50.28 -3.55 6.92
CA SER C 128 51.56 -3.43 7.59
C SER C 128 51.34 -3.06 9.05
N SER C 129 50.46 -2.08 9.29
CA SER C 129 50.16 -1.65 10.63
C SER C 129 49.63 -2.81 11.45
N VAL C 130 48.62 -3.47 10.92
CA VAL C 130 48.01 -4.62 11.58
C VAL C 130 49.07 -5.68 11.85
N GLY C 131 50.03 -5.79 10.93
CA GLY C 131 51.10 -6.76 11.08
C GLY C 131 51.95 -6.49 12.31
N ALA C 132 52.37 -5.25 12.46
CA ALA C 132 53.19 -4.88 13.60
C ALA C 132 52.41 -5.01 14.90
N LEU C 133 51.16 -4.56 14.90
CA LEU C 133 50.33 -4.65 16.10
C LEU C 133 50.20 -6.09 16.57
N GLU C 134 49.86 -7.01 15.67
CA GLU C 134 49.72 -8.42 16.03
C GLU C 134 50.98 -8.98 16.67
N GLY C 135 52.14 -8.48 16.22
CA GLY C 135 53.40 -8.94 16.78
C GLY C 135 53.52 -8.54 18.24
N GLN C 136 53.03 -7.35 18.54
CA GLN C 136 53.06 -6.82 19.90
C GLN C 136 51.96 -7.41 20.78
N LEU C 137 50.81 -7.69 20.18
CA LEU C 137 49.69 -8.26 20.91
C LEU C 137 50.21 -9.56 21.54
N LYS C 138 50.84 -10.39 20.73
CA LYS C 138 51.38 -11.67 21.19
C LYS C 138 52.52 -11.46 22.19
N LYS C 139 53.44 -10.56 21.89
CA LYS C 139 54.55 -10.30 22.79
C LYS C 139 54.06 -9.89 24.18
N LYS C 140 52.93 -9.19 24.23
CA LYS C 140 52.39 -8.73 25.51
C LYS C 140 51.43 -9.68 26.19
N THR C 141 50.31 -9.96 25.53
CA THR C 141 49.29 -10.85 26.09
C THR C 141 49.55 -12.34 25.93
N GLY C 142 50.50 -12.69 25.06
CA GLY C 142 50.81 -14.10 24.83
C GLY C 142 49.89 -14.75 23.82
N LYS C 143 48.85 -14.03 23.39
CA LYS C 143 47.90 -14.55 22.41
C LYS C 143 48.17 -13.98 21.01
N LEU C 144 47.96 -14.82 20.00
CA LEU C 144 48.17 -14.41 18.61
C LEU C 144 46.81 -14.30 17.95
N LEU C 145 46.37 -13.06 17.71
CA LEU C 145 45.08 -12.80 17.09
C LEU C 145 45.20 -12.12 15.74
N ASN C 146 44.18 -12.30 14.91
CA ASN C 146 44.10 -11.68 13.61
C ASN C 146 43.41 -10.34 13.86
N LEU C 147 44.14 -9.23 13.74
CA LEU C 147 43.52 -7.93 13.96
C LEU C 147 42.83 -7.50 12.67
N SER C 148 42.04 -6.43 12.73
CA SER C 148 41.29 -5.94 11.58
C SER C 148 41.89 -4.79 10.75
N PRO C 149 42.25 -5.07 9.49
CA PRO C 149 42.81 -4.01 8.63
C PRO C 149 41.67 -3.16 8.07
N GLN C 150 40.51 -3.79 7.86
CA GLN C 150 39.32 -3.10 7.34
C GLN C 150 38.95 -1.98 8.29
N ASN C 151 39.15 -2.22 9.58
CA ASN C 151 38.89 -1.23 10.63
C ASN C 151 39.72 0.00 10.29
N LEU C 152 41.01 -0.23 10.03
CA LEU C 152 41.88 0.86 9.71
C LEU C 152 41.47 1.55 8.41
N VAL C 153 41.14 0.76 7.39
CA VAL C 153 40.73 1.29 6.08
C VAL C 153 39.54 2.22 6.19
N ASP C 154 38.51 1.75 6.88
CA ASP C 154 37.27 2.51 7.06
C ASP C 154 37.28 3.63 8.10
N CYS C 155 38.28 3.66 8.99
CA CYS C 155 38.29 4.67 10.02
C CYS C 155 39.46 5.65 10.10
N VAL C 156 40.63 5.28 9.61
CA VAL C 156 41.76 6.22 9.68
C VAL C 156 41.51 7.36 8.67
N SER C 157 40.84 8.41 9.14
CA SER C 157 40.50 9.57 8.31
C SER C 157 41.69 10.28 7.66
N GLU C 158 42.85 10.23 8.30
CA GLU C 158 44.03 10.88 7.74
C GLU C 158 44.55 10.13 6.51
N ASN C 159 44.08 8.90 6.34
CA ASN C 159 44.47 8.06 5.22
C ASN C 159 43.32 8.02 4.24
N ASP C 160 43.62 7.74 2.97
CA ASP C 160 42.60 7.70 1.94
C ASP C 160 42.00 6.30 1.72
N GLY C 161 41.95 5.49 2.76
CA GLY C 161 41.40 4.15 2.61
C GLY C 161 42.07 3.33 1.51
N CYS C 162 41.26 2.80 0.59
CA CYS C 162 41.81 2.01 -0.52
C CYS C 162 42.62 2.91 -1.44
N GLY C 163 42.58 4.22 -1.21
CA GLY C 163 43.34 5.14 -2.01
C GLY C 163 44.75 5.22 -1.47
N GLY C 164 45.00 4.60 -0.33
CA GLY C 164 46.35 4.63 0.22
C GLY C 164 46.47 5.33 1.55
N GLY C 165 47.66 5.24 2.14
CA GLY C 165 47.91 5.88 3.42
C GLY C 165 49.23 5.44 4.04
N TYR C 166 49.51 5.93 5.25
CA TYR C 166 50.74 5.59 5.98
C TYR C 166 50.41 4.76 7.21
N MET C 167 51.41 4.09 7.76
CA MET C 167 51.20 3.25 8.92
C MET C 167 51.06 4.08 10.21
N THR C 168 51.89 5.10 10.36
CA THR C 168 51.84 5.97 11.52
C THR C 168 50.40 6.37 11.87
N ASN C 169 49.71 6.95 10.89
CA ASN C 169 48.32 7.38 11.07
C ASN C 169 47.46 6.22 11.58
N ALA C 170 47.74 5.02 11.08
CA ALA C 170 46.98 3.86 11.52
C ALA C 170 47.24 3.65 13.00
N PHE C 171 48.50 3.74 13.42
CA PHE C 171 48.87 3.56 14.82
C PHE C 171 48.16 4.61 15.68
N GLN C 172 48.36 5.88 15.32
CA GLN C 172 47.76 7.00 16.04
C GLN C 172 46.27 6.82 16.20
N TYR C 173 45.60 6.39 15.13
CA TYR C 173 44.17 6.18 15.19
C TYR C 173 43.83 5.19 16.30
N VAL C 174 44.39 3.99 16.23
CA VAL C 174 44.13 2.95 17.23
C VAL C 174 44.29 3.51 18.64
N GLN C 175 45.30 4.35 18.83
CA GLN C 175 45.56 4.97 20.12
C GLN C 175 44.39 5.91 20.50
N LYS C 176 44.16 6.92 19.67
CA LYS C 176 43.09 7.87 19.92
C LYS C 176 41.72 7.19 19.96
N ASN C 177 41.60 6.09 19.28
CA ASN C 177 40.34 5.33 19.25
C ASN C 177 40.26 4.43 20.48
N ARG C 178 41.40 4.27 21.11
CA ARG C 178 41.56 3.42 22.31
C ARG C 178 41.16 1.98 21.97
N GLY C 179 41.66 1.50 20.84
CA GLY C 179 41.37 0.14 20.42
C GLY C 179 41.26 -0.11 18.93
N ILE C 180 41.33 -1.40 18.57
CA ILE C 180 41.21 -1.85 17.18
C ILE C 180 40.51 -3.19 17.21
N ASP C 181 39.59 -3.38 16.27
CA ASP C 181 38.83 -4.63 16.22
C ASP C 181 39.66 -5.82 15.75
N SER C 182 39.07 -7.00 15.82
CA SER C 182 39.72 -8.20 15.39
C SER C 182 39.16 -8.49 14.00
N GLU C 183 39.87 -9.28 13.20
CA GLU C 183 39.44 -9.63 11.86
C GLU C 183 38.02 -10.17 11.91
N ASP C 184 37.73 -11.00 12.89
CA ASP C 184 36.41 -11.59 13.06
C ASP C 184 35.34 -10.54 13.36
N ALA C 185 35.72 -9.51 14.11
CA ALA C 185 34.80 -8.45 14.49
C ALA C 185 34.61 -7.39 13.42
N TYR C 186 35.46 -7.43 12.39
CA TYR C 186 35.42 -6.44 11.32
C TYR C 186 36.19 -7.01 10.12
N PRO C 187 35.61 -8.02 9.46
CA PRO C 187 36.17 -8.70 8.29
C PRO C 187 36.56 -7.79 7.14
N TYR C 188 37.74 -8.06 6.56
CA TYR C 188 38.25 -7.30 5.42
C TYR C 188 37.39 -7.62 4.21
N VAL C 189 36.74 -6.59 3.70
CA VAL C 189 35.86 -6.67 2.54
C VAL C 189 36.58 -6.19 1.28
N GLY C 190 37.71 -5.52 1.45
CA GLY C 190 38.47 -5.06 0.31
C GLY C 190 38.02 -3.74 -0.29
N GLN C 191 36.81 -3.30 0.05
CA GLN C 191 36.28 -2.02 -0.44
C GLN C 191 36.16 -1.04 0.71
N GLU C 192 36.17 0.26 0.40
CA GLU C 192 36.03 1.32 1.41
C GLU C 192 34.57 1.40 1.85
N GLU C 193 34.35 1.57 3.15
CA GLU C 193 33.00 1.65 3.67
C GLU C 193 33.00 2.68 4.79
N SER C 194 31.82 2.97 5.32
CA SER C 194 31.70 3.91 6.43
C SER C 194 32.25 3.19 7.66
N CYS C 195 33.03 3.90 8.47
CA CYS C 195 33.62 3.30 9.66
C CYS C 195 32.59 2.62 10.54
N MET C 196 32.93 1.42 10.98
CA MET C 196 32.04 0.63 11.81
C MET C 196 32.78 0.04 13.00
N TYR C 197 33.77 0.75 13.52
CA TYR C 197 34.51 0.24 14.66
C TYR C 197 33.54 -0.04 15.78
N ASN C 198 33.55 -1.28 16.24
CA ASN C 198 32.66 -1.70 17.31
C ASN C 198 33.49 -2.01 18.54
N PRO C 199 33.18 -1.37 19.67
CA PRO C 199 33.91 -1.57 20.92
C PRO C 199 33.91 -3.03 21.37
N THR C 200 32.77 -3.69 21.26
CA THR C 200 32.63 -5.09 21.66
C THR C 200 33.77 -5.94 21.11
N GLY C 201 34.05 -5.77 19.83
CA GLY C 201 35.10 -6.54 19.21
C GLY C 201 36.51 -5.99 19.35
N LYS C 202 36.75 -5.12 20.31
CA LYS C 202 38.10 -4.59 20.48
C LYS C 202 38.98 -5.78 20.81
N ALA C 203 40.22 -5.77 20.33
CA ALA C 203 41.13 -6.88 20.57
C ALA C 203 42.55 -6.47 20.89
N ALA C 204 42.86 -5.19 20.73
CA ALA C 204 44.19 -4.69 21.02
C ALA C 204 44.17 -3.18 21.08
N LYS C 205 45.17 -2.61 21.74
CA LYS C 205 45.26 -1.16 21.86
C LYS C 205 46.69 -0.74 21.54
N CYS C 206 46.92 0.55 21.45
CA CYS C 206 48.23 1.05 21.13
C CYS C 206 48.47 2.29 21.97
N ARG C 207 49.70 2.43 22.46
CA ARG C 207 50.06 3.54 23.31
C ARG C 207 51.18 4.38 22.70
N GLY C 208 51.11 4.57 21.39
CA GLY C 208 52.13 5.36 20.72
C GLY C 208 52.82 4.58 19.62
N TYR C 209 53.85 5.17 19.03
CA TYR C 209 54.58 4.50 17.98
C TYR C 209 56.02 5.01 18.01
N ARG C 210 56.92 4.26 17.41
CA ARG C 210 58.31 4.68 17.37
C ARG C 210 58.82 4.49 15.95
N GLU C 211 59.64 5.44 15.48
CA GLU C 211 60.18 5.38 14.15
C GLU C 211 61.67 5.08 14.18
N ILE C 212 62.08 4.18 13.32
CA ILE C 212 63.49 3.78 13.23
C ILE C 212 64.23 4.81 12.39
N PRO C 213 65.43 5.21 12.83
CA PRO C 213 66.26 6.20 12.14
C PRO C 213 66.23 5.96 10.63
N GLU C 214 65.99 7.02 9.87
CA GLU C 214 65.89 6.91 8.42
C GLU C 214 67.14 6.32 7.78
N GLY C 215 66.92 5.32 6.93
CA GLY C 215 67.99 4.65 6.20
C GLY C 215 69.03 3.92 7.04
N ASN C 216 68.70 3.55 8.27
CA ASN C 216 69.67 2.89 9.12
C ASN C 216 69.32 1.43 9.31
N GLU C 217 69.92 0.58 8.48
CA GLU C 217 69.66 -0.86 8.56
C GLU C 217 70.13 -1.48 9.87
N LYS C 218 71.26 -0.99 10.38
CA LYS C 218 71.79 -1.51 11.64
C LYS C 218 70.74 -1.30 12.72
N ALA C 219 70.21 -0.08 12.79
CA ALA C 219 69.19 0.28 13.76
C ALA C 219 67.96 -0.59 13.54
N LEU C 220 67.61 -0.80 12.29
CA LEU C 220 66.46 -1.63 11.95
C LEU C 220 66.65 -3.07 12.41
N LYS C 221 67.88 -3.58 12.33
CA LYS C 221 68.16 -4.94 12.75
C LYS C 221 67.92 -5.09 14.24
N ARG C 222 68.51 -4.18 15.00
CA ARG C 222 68.34 -4.19 16.45
C ARG C 222 66.85 -4.09 16.75
N ALA C 223 66.16 -3.17 16.08
CA ALA C 223 64.72 -2.98 16.26
C ALA C 223 63.97 -4.30 16.09
N VAL C 224 64.21 -5.00 14.98
CA VAL C 224 63.55 -6.27 14.72
C VAL C 224 63.89 -7.31 15.78
N ALA C 225 65.14 -7.29 16.22
CA ALA C 225 65.65 -8.22 17.21
C ALA C 225 65.09 -8.01 18.60
N ARG C 226 64.97 -6.75 19.01
CA ARG C 226 64.49 -6.40 20.34
C ARG C 226 62.98 -6.12 20.46
N VAL C 227 62.42 -5.39 19.50
CA VAL C 227 61.00 -5.06 19.54
C VAL C 227 60.10 -6.11 18.88
N GLY C 228 60.57 -6.65 17.77
CA GLY C 228 59.79 -7.66 17.07
C GLY C 228 59.55 -7.21 15.64
N PRO C 229 58.49 -7.70 14.98
CA PRO C 229 58.18 -7.31 13.60
C PRO C 229 58.03 -5.81 13.48
N VAL C 230 58.58 -5.26 12.40
CA VAL C 230 58.54 -3.81 12.16
C VAL C 230 57.90 -3.50 10.81
N SER C 231 57.12 -2.43 10.77
CA SER C 231 56.47 -2.00 9.54
C SER C 231 57.54 -1.27 8.73
N VAL C 232 57.63 -1.60 7.44
CA VAL C 232 58.62 -0.99 6.56
C VAL C 232 57.99 -0.67 5.23
N ALA C 233 58.57 0.30 4.52
CA ALA C 233 58.06 0.69 3.20
C ALA C 233 59.18 0.39 2.19
N ILE C 234 58.81 -0.11 1.02
CA ILE C 234 59.78 -0.43 -0.02
C ILE C 234 59.29 -0.02 -1.39
N ASP C 235 60.16 -0.15 -2.38
CA ASP C 235 59.82 0.15 -3.77
C ASP C 235 59.44 -1.17 -4.47
N ALA C 236 58.16 -1.43 -4.62
CA ALA C 236 57.69 -2.66 -5.25
C ALA C 236 57.27 -2.48 -6.72
N SER C 237 57.78 -1.44 -7.36
CA SER C 237 57.44 -1.15 -8.74
C SER C 237 58.13 -1.96 -9.83
N LEU C 238 58.99 -2.91 -9.46
CA LEU C 238 59.72 -3.69 -10.46
C LEU C 238 59.09 -5.03 -10.79
N THR C 239 59.27 -5.50 -12.02
CA THR C 239 58.70 -6.78 -12.44
C THR C 239 59.36 -7.95 -11.72
N SER C 240 60.65 -7.79 -11.41
CA SER C 240 61.41 -8.81 -10.70
C SER C 240 60.75 -9.09 -9.36
N PHE C 241 60.27 -8.04 -8.70
CA PHE C 241 59.58 -8.18 -7.43
C PHE C 241 58.19 -8.78 -7.69
N GLN C 242 57.52 -8.30 -8.74
CA GLN C 242 56.19 -8.77 -9.09
C GLN C 242 56.11 -10.28 -9.28
N PHE C 243 57.22 -10.90 -9.68
CA PHE C 243 57.26 -12.34 -9.92
C PHE C 243 58.31 -13.12 -9.12
N TYR C 244 58.77 -12.55 -8.01
CA TYR C 244 59.75 -13.22 -7.16
C TYR C 244 59.21 -14.59 -6.76
N SER C 245 60.09 -15.59 -6.81
CA SER C 245 59.70 -16.96 -6.47
C SER C 245 60.51 -17.49 -5.28
N LYS C 246 61.81 -17.26 -5.29
CA LYS C 246 62.68 -17.74 -4.23
C LYS C 246 64.08 -17.13 -4.33
N GLY C 247 64.78 -17.03 -3.21
CA GLY C 247 66.11 -16.48 -3.22
C GLY C 247 66.19 -15.12 -2.55
N VAL C 248 67.38 -14.53 -2.54
CA VAL C 248 67.56 -13.22 -1.95
C VAL C 248 67.30 -12.18 -3.03
N TYR C 249 66.22 -11.41 -2.87
CA TYR C 249 65.88 -10.39 -3.83
C TYR C 249 66.84 -9.23 -3.76
N TYR C 250 67.31 -8.81 -4.93
CA TYR C 250 68.20 -7.66 -5.07
C TYR C 250 68.18 -7.21 -6.52
N ASP C 251 67.74 -5.97 -6.73
CA ASP C 251 67.67 -5.41 -8.07
C ASP C 251 68.25 -4.00 -8.01
N GLU C 252 69.24 -3.74 -8.85
CA GLU C 252 69.90 -2.43 -8.89
C GLU C 252 68.97 -1.32 -9.37
N SER C 253 67.87 -1.69 -10.01
CA SER C 253 66.91 -0.71 -10.50
C SER C 253 65.94 -0.26 -9.41
N CYS C 254 66.01 -0.88 -8.24
CA CYS C 254 65.11 -0.53 -7.14
C CYS C 254 65.47 0.86 -6.63
N ASN C 255 64.54 1.80 -6.81
CA ASN C 255 64.76 3.18 -6.40
C ASN C 255 64.45 3.39 -4.92
N SER C 256 65.50 3.74 -4.18
CA SER C 256 65.42 4.00 -2.74
C SER C 256 64.44 5.12 -2.41
N ASP C 257 64.22 6.00 -3.36
CA ASP C 257 63.35 7.18 -3.16
C ASP C 257 61.94 6.98 -3.72
N ASN C 258 61.69 5.81 -4.28
CA ASN C 258 60.37 5.53 -4.87
C ASN C 258 59.58 4.52 -4.03
N LEU C 259 59.48 4.84 -2.75
CA LEU C 259 58.73 4.00 -1.79
C LEU C 259 57.26 4.00 -2.20
N ASN C 260 56.67 2.81 -2.34
CA ASN C 260 55.28 2.71 -2.73
C ASN C 260 54.54 1.50 -2.20
N HIS C 261 55.17 0.74 -1.31
CA HIS C 261 54.52 -0.45 -0.76
C HIS C 261 54.85 -0.56 0.72
N ALA C 262 53.93 -1.14 1.48
CA ALA C 262 54.12 -1.32 2.91
C ALA C 262 54.09 -2.81 3.22
N VAL C 263 55.19 -3.32 3.75
CA VAL C 263 55.34 -4.72 4.10
C VAL C 263 55.74 -4.87 5.56
N LEU C 264 55.85 -6.11 6.04
CA LEU C 264 56.22 -6.38 7.42
C LEU C 264 57.53 -7.15 7.51
N ALA C 265 58.51 -6.60 8.23
CA ALA C 265 59.79 -7.27 8.41
C ALA C 265 59.61 -8.18 9.63
N VAL C 266 59.63 -9.49 9.41
CA VAL C 266 59.44 -10.45 10.50
C VAL C 266 60.72 -11.15 10.98
N GLY C 267 61.86 -10.71 10.48
CA GLY C 267 63.11 -11.32 10.87
C GLY C 267 64.25 -11.02 9.92
N TYR C 268 65.34 -11.77 10.02
CA TYR C 268 66.50 -11.57 9.18
C TYR C 268 67.47 -12.72 9.35
N GLY C 269 68.45 -12.81 8.45
CA GLY C 269 69.43 -13.87 8.50
C GLY C 269 70.31 -13.90 7.26
N ILE C 270 70.89 -15.06 6.98
CA ILE C 270 71.77 -15.23 5.84
C ILE C 270 71.28 -16.42 5.06
N GLN C 271 71.48 -16.38 3.75
CA GLN C 271 71.13 -17.52 2.92
C GLN C 271 72.15 -17.58 1.81
N LYS C 272 72.88 -18.68 1.77
CA LYS C 272 73.91 -18.90 0.76
C LYS C 272 74.88 -17.72 0.65
N GLY C 273 75.23 -17.16 1.80
CA GLY C 273 76.17 -16.05 1.84
C GLY C 273 75.56 -14.67 1.62
N ASN C 274 74.26 -14.63 1.50
CA ASN C 274 73.57 -13.34 1.29
C ASN C 274 72.73 -12.99 2.51
N LYS C 275 73.09 -11.89 3.14
CA LYS C 275 72.32 -11.38 4.27
C LYS C 275 70.97 -10.92 3.72
N HIS C 276 69.94 -11.01 4.54
CA HIS C 276 68.59 -10.62 4.07
C HIS C 276 67.62 -10.39 5.22
N TRP C 277 66.58 -9.62 4.86
CA TRP C 277 65.44 -9.33 5.72
C TRP C 277 64.31 -10.26 5.32
N ILE C 278 63.61 -10.86 6.28
CA ILE C 278 62.50 -11.73 5.93
C ILE C 278 61.30 -10.79 5.92
N ILE C 279 60.74 -10.59 4.73
CA ILE C 279 59.59 -9.71 4.56
C ILE C 279 58.31 -10.49 4.34
N LYS C 280 57.20 -9.96 4.84
CA LYS C 280 55.87 -10.57 4.70
C LYS C 280 55.04 -9.64 3.81
N ASN C 281 54.49 -10.16 2.70
CA ASN C 281 53.68 -9.35 1.77
C ASN C 281 52.17 -9.48 1.98
N SER C 282 51.40 -8.65 1.29
CA SER C 282 49.95 -8.63 1.43
C SER C 282 49.22 -9.16 0.19
N TRP C 283 49.93 -9.82 -0.71
CA TRP C 283 49.33 -10.33 -1.94
C TRP C 283 49.01 -11.82 -1.90
N GLY C 284 48.68 -12.30 -0.70
CA GLY C 284 48.35 -13.70 -0.54
C GLY C 284 49.58 -14.59 -0.56
N GLU C 285 49.41 -15.84 -0.16
CA GLU C 285 50.53 -16.77 -0.13
C GLU C 285 50.84 -17.38 -1.48
N ASN C 286 50.02 -17.02 -2.48
CA ASN C 286 50.20 -17.52 -3.83
C ASN C 286 51.27 -16.72 -4.57
N TRP C 287 51.89 -15.76 -3.88
CA TRP C 287 52.93 -14.91 -4.43
C TRP C 287 54.17 -15.12 -3.60
N GLY C 288 55.33 -14.91 -4.20
CA GLY C 288 56.59 -15.08 -3.50
C GLY C 288 56.72 -16.46 -2.89
N ASN C 289 57.66 -16.60 -1.97
CA ASN C 289 57.87 -17.86 -1.29
C ASN C 289 56.80 -18.08 -0.22
N LYS C 290 55.68 -18.67 -0.63
CA LYS C 290 54.55 -18.93 0.25
C LYS C 290 54.05 -17.64 0.95
N GLY C 291 54.16 -16.52 0.25
CA GLY C 291 53.72 -15.25 0.79
C GLY C 291 54.84 -14.34 1.23
N TYR C 292 56.03 -14.88 1.47
CA TYR C 292 57.17 -14.08 1.91
C TYR C 292 58.22 -13.87 0.82
N ILE C 293 59.14 -12.95 1.09
CA ILE C 293 60.23 -12.64 0.17
C ILE C 293 61.43 -12.24 1.02
N LEU C 294 62.62 -12.71 0.64
CA LEU C 294 63.82 -12.36 1.38
C LEU C 294 64.45 -11.21 0.61
N MET C 295 64.65 -10.08 1.27
CA MET C 295 65.23 -8.93 0.60
C MET C 295 66.62 -8.64 1.09
N ALA C 296 67.50 -8.28 0.18
CA ALA C 296 68.90 -7.99 0.48
C ALA C 296 69.12 -7.08 1.67
N ARG C 297 69.80 -7.61 2.68
CA ARG C 297 70.09 -6.85 3.88
C ARG C 297 71.50 -6.31 3.80
N ASN C 298 71.72 -5.14 4.39
CA ASN C 298 73.02 -4.50 4.38
C ASN C 298 73.59 -4.22 3.00
N LYS C 299 72.72 -4.14 2.00
CA LYS C 299 73.19 -3.87 0.65
C LYS C 299 72.77 -2.47 0.25
N ASN C 300 73.39 -1.49 0.88
CA ASN C 300 73.11 -0.08 0.63
C ASN C 300 71.64 0.34 0.73
N ASN C 301 70.93 -0.20 1.73
CA ASN C 301 69.52 0.12 1.94
C ASN C 301 68.68 -0.16 0.69
N ALA C 302 68.69 -1.40 0.24
CA ALA C 302 67.96 -1.83 -0.96
C ALA C 302 66.45 -1.52 -0.94
N CYS C 303 65.98 -0.85 -1.99
CA CYS C 303 64.58 -0.47 -2.15
C CYS C 303 64.03 0.42 -1.04
N GLY C 304 64.92 1.10 -0.32
CA GLY C 304 64.51 1.96 0.77
C GLY C 304 63.96 1.23 1.99
N ILE C 305 64.35 -0.04 2.14
CA ILE C 305 63.89 -0.89 3.25
C ILE C 305 63.93 -0.22 4.63
N ALA C 306 64.96 0.58 4.89
CA ALA C 306 65.11 1.27 6.17
C ALA C 306 64.70 2.74 6.15
N ASN C 307 63.92 3.15 5.15
CA ASN C 307 63.50 4.55 5.03
C ASN C 307 62.27 4.98 5.82
N LEU C 308 61.29 4.09 5.97
CA LEU C 308 60.08 4.41 6.71
C LEU C 308 59.68 3.30 7.68
N ALA C 309 60.62 2.86 8.50
CA ALA C 309 60.34 1.80 9.46
C ALA C 309 59.70 2.36 10.72
N SER C 310 58.78 1.60 11.30
CA SER C 310 58.09 2.02 12.52
C SER C 310 57.40 0.82 13.14
N PHE C 311 57.15 0.91 14.44
CA PHE C 311 56.47 -0.15 15.17
C PHE C 311 55.63 0.47 16.29
N PRO C 312 54.47 -0.12 16.57
CA PRO C 312 53.61 0.43 17.61
C PRO C 312 54.19 0.18 18.99
N LYS C 313 53.92 1.10 19.90
CA LYS C 313 54.36 1.01 21.29
C LYS C 313 53.05 0.64 21.99
N MET C 314 52.98 -0.50 22.66
CA MET C 314 51.74 -0.86 23.33
C MET C 314 51.97 -1.49 24.70
N LEU D 1 36.86 -52.61 -23.08
CA LEU D 1 38.32 -52.91 -23.15
C LEU D 1 39.08 -51.64 -22.75
N TYR D 2 40.41 -51.68 -22.83
CA TYR D 2 41.22 -50.51 -22.47
C TYR D 2 42.31 -50.17 -23.50
N PRO D 3 41.90 -50.02 -24.78
CA PRO D 3 42.89 -49.70 -25.81
C PRO D 3 43.18 -48.22 -26.07
N GLU D 4 44.26 -48.02 -26.81
CA GLU D 4 44.77 -46.72 -27.23
C GLU D 4 45.55 -47.06 -28.50
N GLU D 5 46.71 -47.69 -28.32
CA GLU D 5 47.55 -48.15 -29.42
C GLU D 5 47.80 -47.28 -30.67
N ILE D 6 47.64 -47.92 -31.83
CA ILE D 6 47.86 -47.40 -33.18
C ILE D 6 47.27 -46.01 -33.41
N LEU D 7 46.01 -45.87 -33.00
CA LEU D 7 45.26 -44.64 -33.17
C LEU D 7 45.68 -43.45 -32.31
N ASP D 8 46.72 -43.63 -31.48
CA ASP D 8 47.19 -42.55 -30.62
C ASP D 8 47.36 -41.26 -31.37
N THR D 9 48.22 -41.26 -32.38
CA THR D 9 48.48 -40.06 -33.19
C THR D 9 47.21 -39.47 -33.81
N HIS D 10 46.27 -40.35 -34.15
CA HIS D 10 45.01 -39.95 -34.76
C HIS D 10 44.09 -39.27 -33.77
N TRP D 11 43.92 -39.85 -32.59
CA TRP D 11 43.07 -39.27 -31.57
C TRP D 11 43.54 -37.84 -31.30
N GLU D 12 44.85 -37.66 -31.18
CA GLU D 12 45.41 -36.34 -30.93
C GLU D 12 45.05 -35.39 -32.06
N LEU D 13 45.15 -35.88 -33.30
CA LEU D 13 44.83 -35.06 -34.47
C LEU D 13 43.35 -34.69 -34.47
N TRP D 14 42.50 -35.67 -34.18
CA TRP D 14 41.07 -35.46 -34.15
C TRP D 14 40.71 -34.40 -33.11
N LYS D 15 41.27 -34.54 -31.90
CA LYS D 15 41.00 -33.59 -30.83
C LYS D 15 41.40 -32.19 -31.26
N LYS D 16 42.58 -32.07 -31.85
CA LYS D 16 43.07 -30.77 -32.30
C LYS D 16 42.09 -30.21 -33.31
N THR D 17 41.83 -31.00 -34.35
CA THR D 17 40.93 -30.62 -35.42
C THR D 17 39.55 -30.14 -34.95
N HIS D 18 39.08 -30.64 -33.81
CA HIS D 18 37.76 -30.26 -33.33
C HIS D 18 37.71 -29.52 -32.01
N ARG D 19 38.83 -28.91 -31.63
CA ARG D 19 38.91 -28.16 -30.37
C ARG D 19 38.33 -28.94 -29.20
N LYS D 20 38.54 -30.25 -29.21
CA LYS D 20 38.04 -31.13 -28.15
C LYS D 20 38.95 -31.05 -26.95
N GLN D 21 38.36 -30.85 -25.77
CA GLN D 21 39.10 -30.76 -24.52
C GLN D 21 38.40 -31.62 -23.49
N TYR D 22 39.17 -32.19 -22.55
CA TYR D 22 38.61 -33.04 -21.51
C TYR D 22 39.16 -32.62 -20.16
N ASN D 23 38.25 -32.51 -19.19
CA ASN D 23 38.54 -32.09 -17.82
C ASN D 23 39.62 -32.91 -17.08
N ASN D 24 39.47 -34.22 -17.06
CA ASN D 24 40.44 -35.10 -16.40
C ASN D 24 40.95 -36.15 -17.39
N LYS D 25 42.16 -36.65 -17.16
CA LYS D 25 42.74 -37.67 -18.05
C LYS D 25 41.77 -38.84 -18.12
N VAL D 26 41.06 -39.05 -17.03
CA VAL D 26 40.08 -40.12 -16.91
C VAL D 26 38.96 -39.82 -17.90
N ASP D 27 38.47 -38.59 -17.83
CA ASP D 27 37.41 -38.10 -18.69
C ASP D 27 37.82 -38.36 -20.14
N GLU D 28 39.04 -37.99 -20.49
CA GLU D 28 39.58 -38.17 -21.84
C GLU D 28 39.57 -39.63 -22.28
N ILE D 29 40.15 -40.51 -21.47
CA ILE D 29 40.19 -41.94 -21.78
C ILE D 29 38.77 -42.45 -22.09
N SER D 30 37.83 -42.11 -21.22
CA SER D 30 36.45 -42.54 -21.40
C SER D 30 35.94 -42.14 -22.78
N ARG D 31 36.26 -40.92 -23.19
CA ARG D 31 35.84 -40.41 -24.48
C ARG D 31 36.55 -41.15 -25.61
N ARG D 32 37.86 -41.26 -25.48
CA ARG D 32 38.71 -41.96 -26.45
C ARG D 32 38.13 -43.36 -26.74
N LEU D 33 37.61 -44.01 -25.72
CA LEU D 33 37.04 -45.34 -25.90
C LEU D 33 35.74 -45.30 -26.69
N ILE D 34 35.00 -44.19 -26.61
CA ILE D 34 33.74 -44.05 -27.35
C ILE D 34 34.07 -43.79 -28.81
N TRP D 35 35.03 -42.89 -29.02
CA TRP D 35 35.48 -42.52 -30.36
C TRP D 35 35.91 -43.77 -31.11
N GLU D 36 36.72 -44.61 -30.44
CA GLU D 36 37.19 -45.85 -31.05
C GLU D 36 36.05 -46.84 -31.34
N LYS D 37 35.08 -46.91 -30.45
CA LYS D 37 33.96 -47.82 -30.65
C LYS D 37 33.21 -47.39 -31.90
N ASN D 38 33.04 -46.07 -32.04
CA ASN D 38 32.34 -45.51 -33.19
C ASN D 38 33.11 -45.74 -34.48
N LEU D 39 34.41 -45.45 -34.45
CA LEU D 39 35.28 -45.66 -35.60
C LEU D 39 35.05 -47.07 -36.17
N LYS D 40 34.92 -48.06 -35.30
CA LYS D 40 34.69 -49.43 -35.71
C LYS D 40 33.34 -49.55 -36.39
N TYR D 41 32.31 -48.95 -35.83
CA TYR D 41 30.98 -49.02 -36.41
C TYR D 41 31.02 -48.44 -37.81
N ILE D 42 31.66 -47.27 -37.92
CA ILE D 42 31.81 -46.57 -39.18
C ILE D 42 32.52 -47.44 -40.22
N SER D 43 33.72 -47.90 -39.89
CA SER D 43 34.52 -48.73 -40.77
C SER D 43 33.84 -50.01 -41.23
N ILE D 44 33.11 -50.66 -40.34
CA ILE D 44 32.44 -51.87 -40.72
C ILE D 44 31.18 -51.56 -41.54
N HIS D 45 30.58 -50.40 -41.28
CA HIS D 45 29.38 -50.01 -42.01
C HIS D 45 29.72 -49.77 -43.47
N ASN D 46 30.84 -49.09 -43.68
CA ASN D 46 31.30 -48.78 -45.02
C ASN D 46 31.68 -50.05 -45.77
N LEU D 47 32.11 -51.09 -45.05
CA LEU D 47 32.47 -52.36 -45.67
C LEU D 47 31.17 -52.92 -46.28
N GLU D 48 30.12 -52.99 -45.46
CA GLU D 48 28.84 -53.49 -45.93
C GLU D 48 28.34 -52.66 -47.11
N ALA D 49 28.62 -51.37 -47.07
CA ALA D 49 28.22 -50.46 -48.13
C ALA D 49 28.85 -50.87 -49.45
N SER D 50 30.15 -51.15 -49.43
CA SER D 50 30.82 -51.55 -50.65
C SER D 50 30.28 -52.89 -51.11
N LEU D 51 29.83 -53.70 -50.17
CA LEU D 51 29.26 -55.00 -50.51
C LEU D 51 27.82 -54.89 -50.97
N GLY D 52 27.37 -53.66 -51.22
CA GLY D 52 26.01 -53.43 -51.68
C GLY D 52 24.94 -53.51 -50.62
N VAL D 53 25.32 -53.35 -49.36
CA VAL D 53 24.36 -53.41 -48.28
C VAL D 53 23.68 -52.08 -47.92
N HIS D 54 24.36 -50.96 -48.11
CA HIS D 54 23.78 -49.65 -47.78
C HIS D 54 23.91 -48.69 -48.95
N THR D 55 22.93 -47.83 -49.07
CA THR D 55 22.91 -46.83 -50.14
C THR D 55 23.62 -45.56 -49.69
N TYR D 56 24.42 -45.67 -48.64
CA TYR D 56 25.15 -44.52 -48.10
C TYR D 56 26.39 -44.96 -47.31
N GLU D 57 27.27 -44.01 -47.04
CA GLU D 57 28.49 -44.28 -46.31
C GLU D 57 28.62 -43.32 -45.15
N LEU D 58 29.40 -43.73 -44.14
CA LEU D 58 29.62 -42.94 -42.93
C LEU D 58 31.03 -42.35 -42.86
N ALA D 59 31.22 -41.38 -41.97
CA ALA D 59 32.53 -40.76 -41.79
C ALA D 59 32.68 -40.18 -40.39
N MET D 60 33.91 -40.13 -39.91
CA MET D 60 34.19 -39.62 -38.57
C MET D 60 34.03 -38.09 -38.57
N ASN D 61 33.20 -37.60 -37.65
CA ASN D 61 32.93 -36.15 -37.54
C ASN D 61 33.17 -35.66 -36.10
N HIS D 62 32.71 -34.43 -35.85
CA HIS D 62 32.92 -33.76 -34.56
C HIS D 62 32.11 -34.43 -33.42
N LEU D 63 31.17 -35.28 -33.77
CA LEU D 63 30.36 -36.02 -32.78
C LEU D 63 31.01 -37.37 -32.50
N GLY D 64 32.25 -37.54 -32.98
CA GLY D 64 32.95 -38.79 -32.81
C GLY D 64 33.01 -39.38 -31.41
N ASP D 65 33.29 -38.54 -30.41
CA ASP D 65 33.39 -39.01 -29.03
C ASP D 65 32.09 -38.98 -28.23
N MET D 66 30.96 -39.03 -28.93
CA MET D 66 29.67 -39.00 -28.25
C MET D 66 28.84 -40.19 -28.66
N THR D 67 28.05 -40.72 -27.73
CA THR D 67 27.20 -41.85 -28.08
C THR D 67 25.94 -41.27 -28.69
N SER D 68 25.21 -42.08 -29.45
CA SER D 68 23.99 -41.64 -30.07
C SER D 68 23.07 -40.96 -29.04
N GLU D 69 22.85 -41.62 -27.91
CA GLU D 69 22.00 -41.07 -26.86
C GLU D 69 22.42 -39.65 -26.46
N GLU D 70 23.70 -39.44 -26.20
CA GLU D 70 24.17 -38.12 -25.82
C GLU D 70 23.80 -37.10 -26.89
N VAL D 71 24.00 -37.48 -28.15
CA VAL D 71 23.68 -36.62 -29.26
C VAL D 71 22.20 -36.29 -29.22
N VAL D 72 21.35 -37.31 -29.14
CA VAL D 72 19.91 -37.08 -29.10
C VAL D 72 19.57 -36.24 -27.87
N GLN D 73 20.29 -36.44 -26.78
CA GLN D 73 20.03 -35.69 -25.56
C GLN D 73 20.38 -34.21 -25.71
N LYS D 74 21.66 -33.93 -25.93
CA LYS D 74 22.14 -32.57 -26.04
C LYS D 74 21.97 -31.82 -27.35
N MET D 75 21.74 -32.53 -28.45
CA MET D 75 21.66 -31.89 -29.77
C MET D 75 20.40 -31.97 -30.62
N THR D 76 19.26 -32.28 -30.02
CA THR D 76 18.04 -32.31 -30.83
C THR D 76 17.09 -31.20 -30.36
N GLY D 77 15.99 -31.55 -29.70
CA GLY D 77 15.09 -30.54 -29.21
C GLY D 77 13.65 -30.56 -29.69
N LEU D 78 13.26 -31.59 -30.42
CA LEU D 78 11.88 -31.64 -30.90
C LEU D 78 11.03 -32.24 -29.82
N LYS D 79 9.98 -31.48 -29.48
CA LYS D 79 9.00 -31.87 -28.47
C LYS D 79 7.65 -31.75 -29.15
N VAL D 80 7.05 -32.89 -29.47
CA VAL D 80 5.75 -32.93 -30.14
C VAL D 80 4.60 -32.53 -29.22
N LEU D 91 -4.17 -26.82 -43.09
CA LEU D 91 -3.45 -28.04 -43.53
C LEU D 91 -3.32 -27.96 -45.05
N TYR D 92 -2.53 -28.88 -45.61
CA TYR D 92 -2.32 -28.98 -47.06
C TYR D 92 -1.71 -27.69 -47.66
N ILE D 93 -1.95 -27.46 -48.96
CA ILE D 93 -1.50 -26.34 -49.78
C ILE D 93 -0.90 -26.94 -51.05
N ALA D 100 4.85 -31.54 -60.64
CA ALA D 100 5.98 -31.17 -59.73
C ALA D 100 7.27 -31.57 -60.41
N PRO D 101 8.15 -30.60 -60.65
CA PRO D 101 9.44 -30.88 -61.29
C PRO D 101 10.06 -32.08 -60.61
N ASP D 102 10.51 -33.05 -61.40
CA ASP D 102 11.10 -34.26 -60.86
C ASP D 102 12.17 -33.97 -59.83
N SER D 103 12.73 -32.77 -59.87
CA SER D 103 13.79 -32.38 -58.95
C SER D 103 13.67 -30.89 -58.64
N VAL D 104 14.00 -30.52 -57.41
CA VAL D 104 13.96 -29.13 -56.95
C VAL D 104 15.09 -28.96 -55.94
N ASP D 105 15.84 -27.87 -56.03
CA ASP D 105 16.93 -27.64 -55.11
C ASP D 105 17.06 -26.16 -54.81
N TYR D 106 16.37 -25.70 -53.77
CA TYR D 106 16.37 -24.31 -53.39
C TYR D 106 17.73 -23.73 -53.04
N ARG D 107 18.72 -24.60 -52.86
CA ARG D 107 20.07 -24.12 -52.54
C ARG D 107 20.59 -23.37 -53.76
N LYS D 108 20.23 -23.86 -54.93
CA LYS D 108 20.65 -23.25 -56.18
C LYS D 108 19.89 -21.97 -56.50
N LYS D 109 18.62 -21.91 -56.07
CA LYS D 109 17.80 -20.73 -56.32
C LYS D 109 18.03 -19.58 -55.35
N GLY D 110 19.03 -19.70 -54.47
CA GLY D 110 19.32 -18.64 -53.52
C GLY D 110 18.27 -18.43 -52.44
N TYR D 111 17.60 -19.52 -52.06
CA TYR D 111 16.58 -19.48 -51.00
C TYR D 111 17.10 -20.04 -49.68
N VAL D 112 18.28 -20.66 -49.71
CA VAL D 112 18.84 -21.26 -48.52
C VAL D 112 20.03 -20.51 -47.93
N THR D 113 20.05 -20.41 -46.61
CA THR D 113 21.11 -19.73 -45.88
C THR D 113 22.17 -20.76 -45.47
N PRO D 114 23.38 -20.28 -45.11
CA PRO D 114 24.47 -21.18 -44.70
C PRO D 114 24.07 -22.16 -43.61
N VAL D 115 24.62 -23.37 -43.65
CA VAL D 115 24.33 -24.39 -42.64
C VAL D 115 24.85 -23.87 -41.32
N LYS D 116 23.98 -23.88 -40.31
CA LYS D 116 24.35 -23.37 -39.01
C LYS D 116 24.46 -24.52 -38.01
N ASN D 117 24.97 -24.19 -36.83
CA ASN D 117 25.20 -25.17 -35.78
C ASN D 117 24.65 -24.72 -34.42
N GLN D 118 23.70 -25.52 -33.94
CA GLN D 118 23.10 -25.32 -32.62
C GLN D 118 24.10 -25.87 -31.60
N GLY D 119 24.00 -27.17 -31.31
CA GLY D 119 24.92 -27.80 -30.39
C GLY D 119 24.77 -27.49 -28.91
N GLN D 120 24.54 -28.53 -28.13
CA GLN D 120 24.40 -28.38 -26.69
C GLN D 120 23.26 -27.46 -26.31
N CYS D 121 22.14 -27.58 -27.01
CA CYS D 121 20.95 -26.79 -26.78
C CYS D 121 19.88 -27.33 -27.69
N GLY D 122 18.77 -27.78 -27.12
CA GLY D 122 17.69 -28.33 -27.92
C GLY D 122 16.91 -27.25 -28.65
N SER D 123 17.59 -26.53 -29.54
CA SER D 123 16.98 -25.46 -30.30
C SER D 123 16.74 -25.80 -31.76
N CYS D 124 16.69 -27.08 -32.09
CA CYS D 124 16.48 -27.49 -33.47
C CYS D 124 15.17 -26.91 -34.01
N TRP D 125 14.13 -26.89 -33.18
CA TRP D 125 12.83 -26.34 -33.59
C TRP D 125 13.01 -24.89 -34.05
N ALA D 126 13.86 -24.15 -33.32
CA ALA D 126 14.14 -22.76 -33.64
C ALA D 126 14.72 -22.68 -35.03
N PHE D 127 15.78 -23.44 -35.27
CA PHE D 127 16.45 -23.46 -36.56
C PHE D 127 15.57 -23.89 -37.71
N SER D 128 14.71 -24.89 -37.50
CA SER D 128 13.84 -25.34 -38.55
C SER D 128 12.88 -24.19 -38.91
N SER D 129 12.29 -23.57 -37.89
CA SER D 129 11.37 -22.47 -38.12
C SER D 129 12.07 -21.33 -38.90
N VAL D 130 13.21 -20.89 -38.37
CA VAL D 130 14.00 -19.85 -38.99
C VAL D 130 14.33 -20.25 -40.43
N GLY D 131 14.56 -21.55 -40.64
CA GLY D 131 14.87 -22.04 -41.97
C GLY D 131 13.74 -21.81 -42.95
N ALA D 132 12.53 -22.17 -42.55
CA ALA D 132 11.38 -21.99 -43.42
C ALA D 132 11.10 -20.51 -43.65
N LEU D 133 11.18 -19.71 -42.59
CA LEU D 133 10.94 -18.28 -42.70
C LEU D 133 11.87 -17.64 -43.74
N GLU D 134 13.17 -17.92 -43.62
CA GLU D 134 14.15 -17.36 -44.55
C GLU D 134 13.82 -17.69 -45.99
N GLY D 135 13.25 -18.87 -46.22
CA GLY D 135 12.89 -19.28 -47.56
C GLY D 135 11.79 -18.40 -48.10
N GLN D 136 10.86 -18.04 -47.22
CA GLN D 136 9.74 -17.17 -47.60
C GLN D 136 10.16 -15.69 -47.70
N LEU D 137 11.07 -15.26 -46.83
CA LEU D 137 11.55 -13.89 -46.85
C LEU D 137 12.08 -13.62 -48.26
N LYS D 138 12.93 -14.51 -48.76
CA LYS D 138 13.51 -14.39 -50.08
C LYS D 138 12.44 -14.48 -51.16
N LYS D 139 11.56 -15.48 -51.05
CA LYS D 139 10.51 -15.64 -52.04
C LYS D 139 9.65 -14.39 -52.18
N LYS D 140 9.46 -13.66 -51.10
CA LYS D 140 8.64 -12.45 -51.10
C LYS D 140 9.40 -11.16 -51.41
N THR D 141 10.35 -10.81 -50.54
CA THR D 141 11.12 -9.59 -50.70
C THR D 141 12.28 -9.66 -51.69
N GLY D 142 12.68 -10.88 -52.06
CA GLY D 142 13.78 -11.05 -52.98
C GLY D 142 15.14 -11.05 -52.29
N LYS D 143 15.15 -10.73 -50.99
CA LYS D 143 16.39 -10.70 -50.23
C LYS D 143 16.55 -11.95 -49.36
N LEU D 144 17.79 -12.40 -49.21
CA LEU D 144 18.10 -13.58 -48.41
C LEU D 144 18.83 -13.12 -47.17
N LEU D 145 18.13 -13.17 -46.03
CA LEU D 145 18.70 -12.74 -44.76
C LEU D 145 18.80 -13.88 -43.76
N ASN D 146 19.71 -13.72 -42.82
CA ASN D 146 19.90 -14.68 -41.74
C ASN D 146 18.96 -14.23 -40.62
N LEU D 147 17.89 -14.98 -40.38
CA LEU D 147 16.97 -14.59 -39.30
C LEU D 147 17.53 -15.08 -37.99
N SER D 148 16.93 -14.66 -36.88
CA SER D 148 17.41 -15.03 -35.55
C SER D 148 16.70 -16.19 -34.83
N PRO D 149 17.41 -17.29 -34.57
CA PRO D 149 16.83 -18.44 -33.88
C PRO D 149 16.85 -18.19 -32.38
N GLN D 150 17.85 -17.44 -31.92
CA GLN D 150 17.99 -17.09 -30.50
C GLN D 150 16.75 -16.31 -30.06
N ASN D 151 16.21 -15.51 -30.97
CA ASN D 151 15.00 -14.72 -30.74
C ASN D 151 13.91 -15.73 -30.37
N LEU D 152 13.76 -16.75 -31.19
CA LEU D 152 12.75 -17.76 -30.93
C LEU D 152 13.03 -18.50 -29.62
N VAL D 153 14.28 -18.87 -29.37
CA VAL D 153 14.66 -19.59 -28.16
C VAL D 153 14.30 -18.81 -26.90
N ASP D 154 14.67 -17.53 -26.87
CA ASP D 154 14.43 -16.66 -25.72
C ASP D 154 13.02 -16.10 -25.58
N CYS D 155 12.19 -16.18 -26.62
CA CYS D 155 10.86 -15.60 -26.52
C CYS D 155 9.64 -16.50 -26.72
N VAL D 156 9.77 -17.61 -27.44
CA VAL D 156 8.60 -18.48 -27.62
C VAL D 156 8.29 -19.17 -26.30
N SER D 157 7.46 -18.53 -25.48
CA SER D 157 7.09 -19.04 -24.16
C SER D 157 6.44 -20.42 -24.15
N GLU D 158 5.76 -20.78 -25.23
CA GLU D 158 5.11 -22.09 -25.31
C GLU D 158 6.15 -23.21 -25.48
N ASN D 159 7.36 -22.83 -25.85
CA ASN D 159 8.46 -23.77 -26.03
C ASN D 159 9.40 -23.64 -24.85
N ASP D 160 10.13 -24.71 -24.57
CA ASP D 160 11.06 -24.73 -23.44
C ASP D 160 12.48 -24.27 -23.78
N GLY D 161 12.62 -23.38 -24.76
CA GLY D 161 13.94 -22.90 -25.13
C GLY D 161 14.91 -24.02 -25.50
N CYS D 162 16.07 -24.05 -24.86
CA CYS D 162 17.06 -25.09 -25.12
C CYS D 162 16.55 -26.45 -24.64
N GLY D 163 15.42 -26.45 -23.95
CA GLY D 163 14.82 -27.68 -23.48
C GLY D 163 13.99 -28.28 -24.60
N GLY D 164 13.81 -27.54 -25.69
CA GLY D 164 13.05 -28.08 -26.81
C GLY D 164 11.78 -27.33 -27.13
N GLY D 165 11.12 -27.72 -28.21
CA GLY D 165 9.89 -27.08 -28.62
C GLY D 165 9.47 -27.50 -30.03
N TYR D 166 8.37 -26.93 -30.52
CA TYR D 166 7.85 -27.23 -31.85
C TYR D 166 8.01 -26.00 -32.75
N MET D 167 7.89 -26.21 -34.05
CA MET D 167 8.02 -25.11 -35.00
C MET D 167 6.77 -24.22 -35.04
N THR D 168 5.60 -24.85 -35.01
CA THR D 168 4.33 -24.11 -35.03
C THR D 168 4.35 -22.94 -34.06
N ASN D 169 4.64 -23.22 -32.80
CA ASN D 169 4.69 -22.20 -31.76
C ASN D 169 5.65 -21.09 -32.18
N ALA D 170 6.76 -21.46 -32.82
CA ALA D 170 7.71 -20.46 -33.26
C ALA D 170 7.03 -19.54 -34.28
N PHE D 171 6.30 -20.15 -35.22
CA PHE D 171 5.60 -19.37 -36.25
C PHE D 171 4.60 -18.44 -35.60
N GLN D 172 3.69 -19.01 -34.81
CA GLN D 172 2.66 -18.25 -34.10
C GLN D 172 3.24 -17.06 -33.34
N TYR D 173 4.35 -17.29 -32.64
CA TYR D 173 5.01 -16.23 -31.90
C TYR D 173 5.33 -15.06 -32.82
N VAL D 174 6.11 -15.32 -33.86
CA VAL D 174 6.52 -14.30 -34.81
C VAL D 174 5.32 -13.49 -35.27
N GLN D 175 4.21 -14.19 -35.50
CA GLN D 175 2.98 -13.54 -35.94
C GLN D 175 2.46 -12.62 -34.84
N LYS D 176 2.16 -13.18 -33.66
CA LYS D 176 1.66 -12.40 -32.54
C LYS D 176 2.64 -11.31 -32.10
N ASN D 177 3.91 -11.56 -32.35
CA ASN D 177 4.96 -10.60 -31.99
C ASN D 177 5.08 -9.54 -33.08
N ARG D 178 4.49 -9.87 -34.22
CA ARG D 178 4.50 -9.00 -35.40
C ARG D 178 5.94 -8.75 -35.85
N GLY D 179 6.71 -9.84 -35.91
CA GLY D 179 8.09 -9.73 -36.34
C GLY D 179 9.09 -10.67 -35.67
N ILE D 180 10.25 -10.77 -36.31
CA ILE D 180 11.35 -11.60 -35.82
C ILE D 180 12.65 -10.89 -36.19
N ASP D 181 13.60 -10.87 -35.26
CA ASP D 181 14.87 -10.21 -35.51
C ASP D 181 15.74 -10.95 -36.50
N SER D 182 16.84 -10.33 -36.87
CA SER D 182 17.79 -10.92 -37.78
C SER D 182 18.91 -11.47 -36.90
N GLU D 183 19.68 -12.41 -37.44
CA GLU D 183 20.80 -13.00 -36.71
C GLU D 183 21.70 -11.91 -36.16
N ASP D 184 21.96 -10.88 -36.97
CA ASP D 184 22.80 -9.77 -36.56
C ASP D 184 22.21 -8.96 -35.40
N ALA D 185 20.88 -8.84 -35.40
CA ALA D 185 20.18 -8.09 -34.37
C ALA D 185 19.94 -8.89 -33.10
N TYR D 186 20.20 -10.19 -33.15
CA TYR D 186 19.97 -11.07 -32.00
C TYR D 186 20.75 -12.36 -32.23
N PRO D 187 22.09 -12.28 -32.15
CA PRO D 187 23.02 -13.40 -32.34
C PRO D 187 22.76 -14.63 -31.47
N TYR D 188 22.83 -15.82 -32.08
CA TYR D 188 22.63 -17.08 -31.38
C TYR D 188 23.80 -17.31 -30.44
N VAL D 189 23.47 -17.36 -29.16
CA VAL D 189 24.44 -17.55 -28.09
C VAL D 189 24.47 -19.01 -27.65
N GLY D 190 23.45 -19.77 -28.04
CA GLY D 190 23.38 -21.18 -27.68
C GLY D 190 22.78 -21.48 -26.30
N GLN D 191 22.70 -20.46 -25.45
CA GLN D 191 22.14 -20.63 -24.10
C GLN D 191 20.82 -19.87 -24.00
N GLU D 192 19.96 -20.29 -23.08
CA GLU D 192 18.66 -19.63 -22.86
C GLU D 192 18.89 -18.32 -22.10
N GLU D 193 18.18 -17.28 -22.50
CA GLU D 193 18.31 -15.99 -21.86
C GLU D 193 16.93 -15.34 -21.81
N SER D 194 16.85 -14.18 -21.15
CA SER D 194 15.59 -13.45 -21.05
C SER D 194 15.35 -12.86 -22.43
N CYS D 195 14.11 -12.93 -22.89
CA CYS D 195 13.76 -12.41 -24.22
C CYS D 195 14.23 -10.99 -24.42
N MET D 196 14.82 -10.73 -25.57
CA MET D 196 15.33 -9.41 -25.88
C MET D 196 14.94 -8.98 -27.30
N TYR D 197 13.76 -9.43 -27.75
CA TYR D 197 13.33 -9.05 -29.08
C TYR D 197 13.32 -7.54 -29.19
N ASN D 198 14.07 -7.04 -30.16
CA ASN D 198 14.16 -5.61 -30.39
C ASN D 198 13.50 -5.28 -31.72
N PRO D 199 12.52 -4.37 -31.71
CA PRO D 199 11.80 -3.95 -32.91
C PRO D 199 12.71 -3.40 -34.00
N THR D 200 13.70 -2.59 -33.61
CA THR D 200 14.64 -2.01 -34.56
C THR D 200 15.19 -3.07 -35.50
N GLY D 201 15.61 -4.20 -34.95
CA GLY D 201 16.17 -5.26 -35.76
C GLY D 201 15.18 -6.22 -36.39
N LYS D 202 13.92 -5.83 -36.50
CA LYS D 202 12.94 -6.71 -37.12
C LYS D 202 13.41 -6.93 -38.55
N ALA D 203 13.20 -8.13 -39.09
CA ALA D 203 13.63 -8.40 -40.45
C ALA D 203 12.65 -9.21 -41.26
N ALA D 204 11.61 -9.74 -40.61
CA ALA D 204 10.60 -10.53 -41.30
C ALA D 204 9.40 -10.67 -40.40
N LYS D 205 8.27 -11.00 -41.01
CA LYS D 205 7.03 -11.19 -40.26
C LYS D 205 6.38 -12.48 -40.75
N CYS D 206 5.32 -12.89 -40.08
CA CYS D 206 4.60 -14.10 -40.44
C CYS D 206 3.13 -13.87 -40.28
N ARG D 207 2.35 -14.36 -41.22
CA ARG D 207 0.91 -14.18 -41.20
C ARG D 207 0.17 -15.51 -41.12
N GLY D 208 0.71 -16.42 -40.32
CA GLY D 208 0.08 -17.72 -40.17
C GLY D 208 1.01 -18.85 -40.52
N TYR D 209 0.48 -20.07 -40.54
CA TYR D 209 1.28 -21.23 -40.87
C TYR D 209 0.36 -22.26 -41.48
N ARG D 210 0.93 -23.22 -42.19
CA ARG D 210 0.13 -24.27 -42.81
C ARG D 210 0.81 -25.58 -42.54
N GLU D 211 0.01 -26.61 -42.27
CA GLU D 211 0.56 -27.92 -41.98
C GLU D 211 0.26 -28.88 -43.12
N ILE D 212 1.28 -29.66 -43.49
CA ILE D 212 1.15 -30.64 -44.56
C ILE D 212 0.48 -31.91 -44.00
N PRO D 213 -0.49 -32.47 -44.74
CA PRO D 213 -1.21 -33.68 -44.32
C PRO D 213 -0.25 -34.69 -43.72
N GLU D 214 -0.61 -35.21 -42.55
CA GLU D 214 0.24 -36.16 -41.85
C GLU D 214 0.58 -37.40 -42.65
N GLY D 215 1.88 -37.69 -42.70
CA GLY D 215 2.40 -38.85 -43.41
C GLY D 215 2.19 -38.88 -44.91
N ASN D 216 1.97 -37.72 -45.53
CA ASN D 216 1.74 -37.68 -46.96
C ASN D 216 2.93 -37.09 -47.72
N GLU D 217 3.81 -37.97 -48.19
CA GLU D 217 4.98 -37.52 -48.92
C GLU D 217 4.64 -36.84 -50.24
N LYS D 218 3.60 -37.33 -50.92
CA LYS D 218 3.20 -36.73 -52.19
C LYS D 218 2.84 -35.27 -51.93
N ALA D 219 2.02 -35.04 -50.91
CA ALA D 219 1.61 -33.69 -50.53
C ALA D 219 2.85 -32.88 -50.18
N LEU D 220 3.77 -33.49 -49.43
CA LEU D 220 4.98 -32.82 -49.04
C LEU D 220 5.81 -32.41 -50.25
N LYS D 221 5.83 -33.24 -51.28
CA LYS D 221 6.61 -32.93 -52.48
C LYS D 221 6.06 -31.69 -53.15
N ARG D 222 4.75 -31.67 -53.34
CA ARG D 222 4.07 -30.55 -53.98
C ARG D 222 4.35 -29.31 -53.13
N ALA D 223 4.24 -29.46 -51.81
CA ALA D 223 4.50 -28.37 -50.88
C ALA D 223 5.89 -27.75 -51.12
N VAL D 224 6.91 -28.60 -51.13
CA VAL D 224 8.28 -28.14 -51.34
C VAL D 224 8.45 -27.48 -52.71
N ALA D 225 7.76 -28.06 -53.70
CA ALA D 225 7.82 -27.56 -55.07
C ALA D 225 7.15 -26.23 -55.25
N ARG D 226 5.98 -26.04 -54.64
CA ARG D 226 5.20 -24.81 -54.78
C ARG D 226 5.44 -23.72 -53.73
N VAL D 227 5.55 -24.11 -52.47
CA VAL D 227 5.76 -23.15 -51.40
C VAL D 227 7.23 -22.84 -51.15
N GLY D 228 8.07 -23.87 -51.20
CA GLY D 228 9.49 -23.69 -50.96
C GLY D 228 9.94 -24.59 -49.82
N PRO D 229 11.03 -24.25 -49.12
CA PRO D 229 11.53 -25.06 -48.01
C PRO D 229 10.44 -25.28 -46.96
N VAL D 230 10.37 -26.50 -46.44
CA VAL D 230 9.37 -26.85 -45.45
C VAL D 230 10.02 -27.42 -44.18
N SER D 231 9.47 -27.06 -43.02
CA SER D 231 9.98 -27.55 -41.75
C SER D 231 9.46 -28.96 -41.60
N VAL D 232 10.33 -29.88 -41.20
CA VAL D 232 9.94 -31.27 -41.03
C VAL D 232 10.59 -31.84 -39.78
N ALA D 233 9.99 -32.89 -39.23
CA ALA D 233 10.51 -33.54 -38.04
C ALA D 233 10.87 -34.97 -38.42
N ILE D 234 11.98 -35.46 -37.90
CA ILE D 234 12.43 -36.82 -38.18
C ILE D 234 13.00 -37.51 -36.94
N ASP D 235 13.31 -38.80 -37.10
CA ASP D 235 13.88 -39.58 -36.03
C ASP D 235 15.41 -39.64 -36.22
N ALA D 236 16.14 -38.80 -35.49
CA ALA D 236 17.60 -38.75 -35.62
C ALA D 236 18.34 -39.51 -34.53
N SER D 237 17.66 -40.47 -33.91
CA SER D 237 18.25 -41.26 -32.83
C SER D 237 19.21 -42.38 -33.22
N LEU D 238 19.44 -42.57 -34.51
CA LEU D 238 20.32 -43.66 -34.94
C LEU D 238 21.77 -43.26 -35.20
N THR D 239 22.69 -44.19 -34.96
CA THR D 239 24.12 -43.92 -35.16
C THR D 239 24.43 -43.69 -36.63
N SER D 240 23.71 -44.39 -37.50
CA SER D 240 23.90 -44.27 -38.94
C SER D 240 23.67 -42.81 -39.35
N PHE D 241 22.67 -42.18 -38.74
CA PHE D 241 22.38 -40.78 -39.02
C PHE D 241 23.48 -39.92 -38.38
N GLN D 242 23.87 -40.26 -37.15
CA GLN D 242 24.88 -39.52 -36.43
C GLN D 242 26.19 -39.38 -37.20
N PHE D 243 26.48 -40.33 -38.07
CA PHE D 243 27.74 -40.30 -38.83
C PHE D 243 27.58 -40.34 -40.34
N TYR D 244 26.40 -39.97 -40.84
CA TYR D 244 26.14 -39.98 -42.29
C TYR D 244 27.20 -39.14 -42.97
N SER D 245 27.71 -39.61 -44.09
CA SER D 245 28.74 -38.91 -44.83
C SER D 245 28.30 -38.54 -46.24
N LYS D 246 27.68 -39.49 -46.94
CA LYS D 246 27.21 -39.27 -48.31
C LYS D 246 26.30 -40.40 -48.76
N GLY D 247 25.42 -40.11 -49.70
CA GLY D 247 24.50 -41.12 -50.20
C GLY D 247 23.07 -40.91 -49.76
N VAL D 248 22.19 -41.81 -50.16
CA VAL D 248 20.80 -41.71 -49.77
C VAL D 248 20.61 -42.44 -48.46
N TYR D 249 20.29 -41.69 -47.41
CA TYR D 249 20.11 -42.29 -46.10
C TYR D 249 18.80 -43.08 -46.05
N TYR D 250 18.91 -44.29 -45.52
CA TYR D 250 17.76 -45.17 -45.33
C TYR D 250 18.14 -46.24 -44.34
N ASP D 251 17.43 -46.27 -43.21
CA ASP D 251 17.68 -47.24 -42.16
C ASP D 251 16.34 -47.81 -41.71
N GLU D 252 16.22 -49.13 -41.77
CA GLU D 252 14.97 -49.80 -41.38
C GLU D 252 14.66 -49.64 -39.89
N SER D 253 15.67 -49.28 -39.10
CA SER D 253 15.49 -49.11 -37.67
C SER D 253 14.95 -47.73 -37.32
N CYS D 254 14.78 -46.87 -38.32
CA CYS D 254 14.26 -45.55 -38.09
C CYS D 254 12.79 -45.63 -37.74
N ASN D 255 12.46 -45.26 -36.50
CA ASN D 255 11.08 -45.30 -36.03
C ASN D 255 10.27 -44.09 -36.41
N SER D 256 9.26 -44.33 -37.24
CA SER D 256 8.36 -43.30 -37.74
C SER D 256 7.66 -42.56 -36.59
N ASP D 257 7.47 -43.24 -35.47
CA ASP D 257 6.81 -42.65 -34.32
C ASP D 257 7.75 -42.05 -33.28
N ASN D 258 9.04 -42.07 -33.55
CA ASN D 258 10.01 -41.54 -32.59
C ASN D 258 10.64 -40.24 -33.11
N LEU D 259 9.79 -39.31 -33.51
CA LEU D 259 10.23 -37.99 -33.99
C LEU D 259 10.95 -37.27 -32.87
N ASN D 260 12.16 -36.78 -33.13
CA ASN D 260 12.92 -36.08 -32.12
C ASN D 260 13.88 -35.02 -32.64
N HIS D 261 13.80 -34.70 -33.93
CA HIS D 261 14.68 -33.70 -34.50
C HIS D 261 13.91 -32.87 -35.50
N ALA D 262 14.31 -31.61 -35.66
CA ALA D 262 13.66 -30.71 -36.59
C ALA D 262 14.68 -30.26 -37.62
N VAL D 263 14.41 -30.56 -38.88
CA VAL D 263 15.30 -30.22 -39.99
C VAL D 263 14.55 -29.42 -41.06
N LEU D 264 15.25 -28.98 -42.10
CA LEU D 264 14.63 -28.22 -43.17
C LEU D 264 14.74 -28.95 -44.52
N ALA D 265 13.59 -29.18 -45.16
CA ALA D 265 13.58 -29.85 -46.46
C ALA D 265 13.74 -28.74 -47.48
N VAL D 266 14.87 -28.72 -48.17
CA VAL D 266 15.14 -27.69 -49.16
C VAL D 266 15.01 -28.13 -50.62
N GLY D 267 14.51 -29.34 -50.83
CA GLY D 267 14.36 -29.83 -52.19
C GLY D 267 14.20 -31.34 -52.24
N TYR D 268 14.34 -31.90 -53.43
CA TYR D 268 14.21 -33.34 -53.63
C TYR D 268 14.71 -33.71 -55.02
N GLY D 269 14.90 -35.02 -55.23
CA GLY D 269 15.37 -35.50 -56.52
C GLY D 269 15.69 -36.98 -56.49
N ILE D 270 16.54 -37.41 -57.41
CA ILE D 270 16.94 -38.81 -57.49
C ILE D 270 18.45 -38.83 -57.52
N GLN D 271 19.02 -39.91 -56.98
CA GLN D 271 20.46 -40.09 -57.00
C GLN D 271 20.71 -41.57 -57.13
N LYS D 272 21.35 -41.94 -58.24
CA LYS D 272 21.66 -43.34 -58.53
C LYS D 272 20.46 -44.27 -58.38
N GLY D 273 19.31 -43.78 -58.84
CA GLY D 273 18.08 -44.55 -58.78
C GLY D 273 17.33 -44.49 -57.47
N ASN D 274 17.80 -43.69 -56.56
CA ASN D 274 17.14 -43.55 -55.26
C ASN D 274 16.54 -42.15 -55.11
N LYS D 275 15.22 -42.11 -55.00
CA LYS D 275 14.52 -40.86 -54.77
C LYS D 275 14.89 -40.37 -53.38
N HIS D 276 14.93 -39.06 -53.18
CA HIS D 276 15.32 -38.53 -51.87
C HIS D 276 14.90 -37.07 -51.67
N TRP D 277 14.84 -36.73 -50.40
CA TRP D 277 14.57 -35.36 -49.92
C TRP D 277 15.91 -34.74 -49.57
N ILE D 278 16.11 -33.49 -49.95
CA ILE D 278 17.36 -32.84 -49.59
C ILE D 278 17.08 -32.18 -48.27
N ILE D 279 17.74 -32.64 -47.22
CA ILE D 279 17.54 -32.10 -45.89
C ILE D 279 18.71 -31.24 -45.42
N LYS D 280 18.41 -30.20 -44.65
CA LYS D 280 19.42 -29.30 -44.11
C LYS D 280 19.43 -29.49 -42.58
N ASN D 281 20.59 -29.82 -42.00
CA ASN D 281 20.68 -30.04 -40.55
C ASN D 281 21.21 -28.82 -39.80
N SER D 282 21.20 -28.89 -38.46
CA SER D 282 21.63 -27.78 -37.60
C SER D 282 22.92 -28.06 -36.85
N TRP D 283 23.65 -29.10 -37.26
CA TRP D 283 24.89 -29.51 -36.57
C TRP D 283 26.15 -29.02 -37.29
N GLY D 284 26.03 -27.88 -37.94
CA GLY D 284 27.17 -27.33 -38.65
C GLY D 284 27.44 -28.06 -39.93
N GLU D 285 28.28 -27.49 -40.78
CA GLU D 285 28.61 -28.10 -42.05
C GLU D 285 29.67 -29.19 -41.94
N ASN D 286 30.18 -29.38 -40.73
CA ASN D 286 31.19 -30.39 -40.47
C ASN D 286 30.56 -31.76 -40.28
N TRP D 287 29.24 -31.84 -40.46
CA TRP D 287 28.48 -33.07 -40.32
C TRP D 287 27.80 -33.30 -41.65
N GLY D 288 27.52 -34.56 -41.97
CA GLY D 288 26.86 -34.89 -43.21
C GLY D 288 27.60 -34.35 -44.41
N ASN D 289 26.91 -34.33 -45.54
CA ASN D 289 27.51 -33.83 -46.76
C ASN D 289 27.48 -32.32 -46.73
N LYS D 290 28.56 -31.73 -46.20
CA LYS D 290 28.71 -30.29 -46.09
C LYS D 290 27.52 -29.65 -45.36
N GLY D 291 26.95 -30.39 -44.41
CA GLY D 291 25.82 -29.88 -43.66
C GLY D 291 24.48 -30.48 -44.02
N TYR D 292 24.38 -31.06 -45.20
CA TYR D 292 23.13 -31.65 -45.66
C TYR D 292 23.16 -33.18 -45.66
N ILE D 293 21.99 -33.76 -45.83
CA ILE D 293 21.83 -35.21 -45.87
C ILE D 293 20.66 -35.49 -46.82
N LEU D 294 20.79 -36.52 -47.65
CA LEU D 294 19.72 -36.88 -48.55
C LEU D 294 18.99 -38.01 -47.88
N MET D 295 17.70 -37.85 -47.64
CA MET D 295 16.93 -38.90 -47.00
C MET D 295 15.94 -39.57 -47.95
N ALA D 296 15.83 -40.88 -47.84
CA ALA D 296 14.96 -41.68 -48.69
C ALA D 296 13.55 -41.13 -48.87
N ARG D 297 13.23 -40.77 -50.12
CA ARG D 297 11.91 -40.25 -50.43
C ARG D 297 11.04 -41.37 -50.96
N ASN D 298 9.74 -41.27 -50.72
CA ASN D 298 8.78 -42.27 -51.16
C ASN D 298 9.07 -43.68 -50.67
N LYS D 299 9.83 -43.80 -49.58
CA LYS D 299 10.13 -45.11 -49.05
C LYS D 299 9.37 -45.30 -47.74
N ASN D 300 8.06 -45.42 -47.86
CA ASN D 300 7.17 -45.63 -46.72
C ASN D 300 7.31 -44.60 -45.60
N ASN D 301 7.49 -43.34 -45.96
CA ASN D 301 7.62 -42.27 -44.97
C ASN D 301 8.75 -42.53 -43.98
N ALA D 302 9.96 -42.68 -44.53
CA ALA D 302 11.16 -42.95 -43.73
C ALA D 302 11.43 -41.95 -42.60
N CYS D 303 11.60 -42.47 -41.38
CA CYS D 303 11.88 -41.64 -40.20
C CYS D 303 10.80 -40.60 -39.88
N GLY D 304 9.59 -40.81 -40.39
CA GLY D 304 8.49 -39.89 -40.16
C GLY D 304 8.64 -38.53 -40.83
N ILE D 305 9.43 -38.50 -41.91
CA ILE D 305 9.70 -37.28 -42.67
C ILE D 305 8.46 -36.44 -43.00
N ALA D 306 7.34 -37.10 -43.29
CA ALA D 306 6.12 -36.38 -43.61
C ALA D 306 5.09 -36.32 -42.46
N ASN D 307 5.54 -36.56 -41.23
CA ASN D 307 4.64 -36.56 -40.06
C ASN D 307 4.33 -35.21 -39.41
N LEU D 308 5.31 -34.29 -39.39
CA LEU D 308 5.11 -32.96 -38.79
C LEU D 308 5.64 -31.84 -39.70
N ALA D 309 5.23 -31.85 -40.96
CA ALA D 309 5.68 -30.84 -41.89
C ALA D 309 4.84 -29.57 -41.76
N SER D 310 5.48 -28.42 -41.91
CA SER D 310 4.78 -27.15 -41.82
C SER D 310 5.64 -26.06 -42.41
N PHE D 311 5.00 -24.98 -42.85
CA PHE D 311 5.71 -23.84 -43.41
C PHE D 311 4.95 -22.57 -43.06
N PRO D 312 5.67 -21.47 -42.83
CA PRO D 312 5.01 -20.22 -42.48
C PRO D 312 4.32 -19.60 -43.70
N LYS D 313 3.22 -18.90 -43.43
CA LYS D 313 2.45 -18.22 -44.45
C LYS D 313 2.83 -16.77 -44.18
N MET D 314 3.42 -16.08 -45.15
CA MET D 314 3.79 -14.69 -44.90
C MET D 314 3.51 -13.78 -46.11
#